data_6P2N
#
_entry.id   6P2N
#
_cell.length_a   57.494
_cell.length_b   86.214
_cell.length_c   130.197
_cell.angle_alpha   90.00
_cell.angle_beta   90.00
_cell.angle_gamma   90.00
#
_symmetry.space_group_name_H-M   'P 21 21 21'
#
loop_
_entity.id
_entity.type
_entity.pdbx_description
1 polymer Xyloglucanase
2 non-polymer GLYCEROL
3 non-polymer 'CHLORIDE ION'
4 non-polymer 'MAGNESIUM ION'
5 water water
#
_entity_poly.entity_id   1
_entity_poly.type   'polypeptide(L)'
_entity_poly.pdbx_seq_one_letter_code
;A(MSE)SEAYNWKSVVTGAGGGFVPGIIFNQSEPDLIYARTDIGGAYRWNQATGSWVSISDAVGWVDWNKNGVDALATDP
VDPDKVY(MSE)ATGTYTNSWDDNGQI(MSE)RSGDRGNTWQSTPLPFKVGGN(MSE)PGRSAGERLVIDPNKNSILFFG
ARSGNGLWKSTDSGVTWSKVSSFPNVGTYIQNPTLEYGNDLVGLSWITFDPNTGTPGNATQTIYVGVADTASSVYRSTDG
GATWTAIPGQPTGYLPHHGVLSSTGDLYITYSNGVGPYDGSKGEVWKLNTASGAWTNISPSAGTDNWYGFGGLAVDAQHP
DTV(MSE)VSSLNAWWPDEVIFRSTNGGATWSRIWDWGSYPERSYKFA(MSE)DITAAPWLNHGVTNSTSLDPSPKLGW
(MSE)(MSE)GDLEIDPFNSNR(MSE)(MSE)YGTGATIYGTNNLTSWDTGGKVNIAV(MSE)AKGVEETAVLGLISPPS
GTAHLITALGDVSGFRYEDLTQAPVKFQTSPSWATTTGIDFAELNPSYVVRVGGADKEKDPG(MSE)KSIGISNDGGVNW
Y(MSE)PNSEPSSGTKTTAGQGQVAVSASGNSILWSTSDLGVYYSKTTGNSWTVSAGVPAGAKVASDRVNPNKFYAFYAG
IFYVSTDGGATFTATAAAGLPANNVGGLQPNQAQIS(MSE)KA(MSE)PGIEGDVWFAGGNTVENKYGLWHSINSGTSFT
KLTNVEEADLIGFG(MSE)AAPGQNY(MSE)ALYTVAR(MSE)DGVRGVFRSDDAGASWVRINDDAHQYAKIN(MSE)AI
TGDPRVYGRVYLGTNGRGTLYADPV
;
_entity_poly.pdbx_strand_id   A
#
# COMPACT_ATOMS: atom_id res chain seq x y z
N ALA A 1 22.35 -1.59 -25.38
CA ALA A 1 21.60 -1.49 -24.14
C ALA A 1 22.43 -1.95 -22.95
N SER A 3 24.21 -2.55 -19.46
CA SER A 3 23.80 -2.52 -18.07
CA SER A 3 23.80 -2.52 -18.07
C SER A 3 25.02 -2.61 -17.15
N GLU A 4 24.84 -2.18 -15.92
CA GLU A 4 25.83 -2.31 -14.85
C GLU A 4 25.16 -2.97 -13.66
N ALA A 5 25.81 -3.99 -13.06
CA ALA A 5 25.22 -4.74 -11.96
C ALA A 5 25.14 -3.85 -10.73
N TYR A 6 23.97 -3.86 -10.09
CA TYR A 6 23.72 -3.08 -8.89
C TYR A 6 23.15 -3.97 -7.81
N ASN A 7 23.37 -3.58 -6.56
CA ASN A 7 22.75 -4.25 -5.42
C ASN A 7 21.55 -3.40 -5.02
N TRP A 8 20.36 -3.93 -5.13
CA TRP A 8 19.11 -3.23 -4.79
C TRP A 8 18.63 -3.65 -3.39
N LYS A 9 18.29 -2.66 -2.55
CA LYS A 9 17.87 -2.94 -1.18
C LYS A 9 16.74 -2.00 -0.83
N SER A 10 15.96 -2.35 0.17
CA SER A 10 14.92 -1.48 0.68
C SER A 10 15.45 -0.49 1.71
N VAL A 11 15.02 0.77 1.58
CA VAL A 11 15.09 1.73 2.69
C VAL A 11 14.08 1.21 3.72
N VAL A 12 14.53 0.95 4.93
CA VAL A 12 13.75 0.19 5.92
CA VAL A 12 13.63 0.18 5.79
C VAL A 12 12.68 1.08 6.56
N THR A 13 11.48 0.56 6.71
CA THR A 13 10.48 1.15 7.64
C THR A 13 10.16 0.25 8.82
N GLY A 14 10.54 -1.02 8.80
CA GLY A 14 10.29 -1.90 9.92
C GLY A 14 8.88 -2.47 9.93
N ALA A 15 7.89 -1.64 9.65
CA ALA A 15 6.49 -2.06 9.78
C ALA A 15 5.81 -2.25 8.45
N GLY A 16 6.40 -1.78 7.35
CA GLY A 16 5.74 -1.94 6.06
C GLY A 16 4.94 -0.70 5.69
N GLY A 17 4.00 -0.30 6.53
CA GLY A 17 3.34 0.97 6.34
C GLY A 17 2.06 0.96 5.50
N GLY A 18 1.58 -0.21 5.07
CA GLY A 18 0.34 -0.30 4.31
C GLY A 18 -0.52 -1.46 4.77
N PHE A 19 -1.60 -1.67 4.04
CA PHE A 19 -2.61 -2.64 4.43
C PHE A 19 -2.21 -4.03 3.97
N VAL A 20 -2.30 -5.00 4.88
CA VAL A 20 -2.03 -6.42 4.56
C VAL A 20 -3.36 -7.17 4.71
N PRO A 21 -4.11 -7.33 3.63
CA PRO A 21 -5.42 -8.00 3.73
C PRO A 21 -5.36 -9.50 3.86
N GLY A 22 -4.22 -10.15 3.62
CA GLY A 22 -4.24 -11.60 3.72
C GLY A 22 -2.92 -12.14 4.21
N ILE A 23 -2.95 -13.06 5.15
CA ILE A 23 -1.82 -13.87 5.58
C ILE A 23 -2.25 -15.32 5.40
N ILE A 24 -1.41 -16.14 4.79
CA ILE A 24 -1.79 -17.46 4.35
C ILE A 24 -0.72 -18.45 4.81
N PHE A 25 -1.07 -19.31 5.79
CA PHE A 25 -0.20 -20.40 6.20
C PHE A 25 -0.43 -21.64 5.34
N ASN A 26 0.67 -22.30 4.93
CA ASN A 26 0.53 -23.60 4.28
C ASN A 26 0.06 -24.62 5.33
N GLN A 27 -0.83 -25.50 4.94
CA GLN A 27 -1.43 -26.41 5.91
C GLN A 27 -0.63 -27.69 6.12
N SER A 28 0.47 -27.89 5.39
CA SER A 28 1.26 -29.11 5.50
CA SER A 28 1.25 -29.09 5.55
C SER A 28 2.72 -28.88 5.88
N GLU A 29 3.30 -27.75 5.51
CA GLU A 29 4.73 -27.47 5.74
C GLU A 29 4.88 -26.42 6.82
N PRO A 30 5.40 -26.77 8.00
CA PRO A 30 5.63 -25.77 9.05
C PRO A 30 6.50 -24.63 8.56
N ASP A 31 6.14 -23.43 8.95
CA ASP A 31 6.85 -22.19 8.74
C ASP A 31 6.77 -21.65 7.32
N LEU A 32 5.94 -22.27 6.48
CA LEU A 32 5.69 -21.75 5.13
C LEU A 32 4.45 -20.86 5.19
N ILE A 33 4.69 -19.56 5.02
CA ILE A 33 3.68 -18.51 5.17
C ILE A 33 3.87 -17.52 4.04
N TYR A 34 2.75 -16.98 3.55
CA TYR A 34 2.75 -15.92 2.56
C TYR A 34 1.92 -14.77 3.09
N ALA A 35 2.20 -13.57 2.57
CA ALA A 35 1.41 -12.38 2.90
C ALA A 35 1.09 -11.68 1.59
N ARG A 36 -0.14 -11.20 1.45
CA ARG A 36 -0.51 -10.48 0.25
C ARG A 36 -0.92 -9.06 0.61
N THR A 37 -0.60 -8.13 -0.28
CA THR A 37 -0.92 -6.73 -0.09
C THR A 37 -1.86 -6.27 -1.21
N ASP A 38 -2.47 -5.11 -1.00
CA ASP A 38 -3.39 -4.60 -2.00
C ASP A 38 -2.73 -3.81 -3.13
N ILE A 39 -1.54 -3.22 -2.90
CA ILE A 39 -0.90 -2.40 -3.93
C ILE A 39 0.53 -2.80 -4.18
N GLY A 40 1.05 -3.71 -3.39
CA GLY A 40 2.48 -3.96 -3.43
C GLY A 40 2.92 -5.40 -3.52
N GLY A 41 2.11 -6.25 -4.17
CA GLY A 41 2.51 -7.62 -4.42
C GLY A 41 2.41 -8.49 -3.17
N ALA A 42 3.20 -9.54 -3.15
CA ALA A 42 3.13 -10.56 -2.11
C ALA A 42 4.51 -10.84 -1.57
N TYR A 43 4.52 -11.61 -0.47
CA TYR A 43 5.75 -11.93 0.24
C TYR A 43 5.70 -13.36 0.73
N ARG A 44 6.87 -13.94 0.93
CA ARG A 44 7.01 -15.24 1.56
C ARG A 44 7.88 -15.07 2.80
N TRP A 45 7.47 -15.73 3.87
CA TRP A 45 8.18 -15.66 5.15
C TRP A 45 9.46 -16.48 5.12
N ASN A 46 10.47 -16.01 5.85
CA ASN A 46 11.70 -16.74 6.10
CA ASN A 46 11.71 -16.74 6.10
C ASN A 46 11.88 -16.88 7.60
N GLN A 47 11.64 -18.09 8.11
CA GLN A 47 11.71 -18.29 9.57
C GLN A 47 13.11 -18.00 10.10
N ALA A 48 14.15 -18.36 9.35
CA ALA A 48 15.51 -18.23 9.90
C ALA A 48 15.86 -16.79 10.21
N THR A 49 15.40 -15.85 9.39
CA THR A 49 15.63 -14.43 9.58
C THR A 49 14.45 -13.70 10.23
N GLY A 50 13.36 -14.40 10.51
CA GLY A 50 12.17 -13.74 11.05
C GLY A 50 11.70 -12.58 10.21
N SER A 51 11.67 -12.75 8.90
CA SER A 51 11.38 -11.63 8.00
C SER A 51 10.76 -12.15 6.73
N TRP A 52 10.30 -11.22 5.91
CA TRP A 52 9.58 -11.52 4.68
C TRP A 52 10.44 -11.16 3.48
N VAL A 53 10.25 -11.90 2.38
CA VAL A 53 10.95 -11.71 1.11
CA VAL A 53 10.93 -11.59 1.13
C VAL A 53 9.88 -11.38 0.06
N SER A 54 10.05 -10.30 -0.69
CA SER A 54 9.10 -10.04 -1.76
C SER A 54 9.16 -11.15 -2.80
N ILE A 55 7.98 -11.55 -3.29
CA ILE A 55 7.89 -12.47 -4.41
C ILE A 55 7.33 -11.77 -5.65
N SER A 56 7.41 -10.44 -5.69
CA SER A 56 6.76 -9.67 -6.75
C SER A 56 7.66 -8.68 -7.46
N ASP A 57 8.95 -8.63 -7.17
CA ASP A 57 9.73 -7.50 -7.69
C ASP A 57 10.02 -7.60 -9.18
N ALA A 58 9.81 -8.74 -9.82
CA ALA A 58 9.85 -8.78 -11.27
C ALA A 58 8.66 -8.10 -11.96
N VAL A 59 7.57 -7.82 -11.25
CA VAL A 59 6.44 -7.12 -11.87
C VAL A 59 6.92 -5.74 -12.29
N GLY A 60 6.63 -5.36 -13.52
CA GLY A 60 7.18 -4.12 -14.10
C GLY A 60 6.19 -3.07 -14.53
N TRP A 61 6.62 -2.25 -15.48
CA TRP A 61 5.90 -1.03 -15.84
C TRP A 61 4.54 -1.34 -16.47
N VAL A 62 4.51 -2.25 -17.44
CA VAL A 62 3.26 -2.47 -18.17
C VAL A 62 2.32 -3.35 -17.38
N ASP A 63 2.88 -4.34 -16.68
CA ASP A 63 2.11 -5.37 -15.97
C ASP A 63 1.95 -5.05 -14.50
N TRP A 64 1.94 -3.74 -14.17
CA TRP A 64 1.93 -3.26 -12.79
C TRP A 64 0.75 -3.76 -12.00
N ASN A 65 -0.39 -4.04 -12.66
CA ASN A 65 -1.55 -4.45 -11.88
C ASN A 65 -1.41 -5.81 -11.24
N LYS A 66 -0.39 -6.57 -11.60
CA LYS A 66 -0.05 -7.81 -10.92
C LYS A 66 0.29 -7.62 -9.44
N ASN A 67 0.61 -6.40 -9.01
CA ASN A 67 0.86 -6.14 -7.60
C ASN A 67 -0.43 -5.91 -6.80
N GLY A 68 -1.59 -5.95 -7.44
CA GLY A 68 -2.87 -5.92 -6.70
C GLY A 68 -3.27 -7.36 -6.42
N VAL A 69 -2.96 -7.88 -5.25
CA VAL A 69 -3.09 -9.32 -5.00
C VAL A 69 -4.39 -9.54 -4.25
N ASP A 70 -5.44 -9.92 -5.00
CA ASP A 70 -6.77 -10.16 -4.43
C ASP A 70 -6.91 -11.50 -3.71
N ALA A 71 -6.07 -12.49 -4.04
CA ALA A 71 -6.18 -13.79 -3.40
C ALA A 71 -4.87 -14.53 -3.62
N LEU A 72 -4.57 -15.47 -2.74
CA LEU A 72 -3.35 -16.26 -2.83
C LEU A 72 -3.61 -17.64 -2.26
N ALA A 73 -3.10 -18.68 -2.93
CA ALA A 73 -3.23 -20.04 -2.41
C ALA A 73 -1.88 -20.75 -2.45
N THR A 74 -1.58 -21.47 -1.38
CA THR A 74 -0.35 -22.25 -1.23
C THR A 74 -0.71 -23.74 -1.14
N ASP A 75 -0.06 -24.56 -1.94
CA ASP A 75 -0.48 -25.92 -2.19
C ASP A 75 -0.07 -26.84 -1.03
N PRO A 76 -1.02 -27.54 -0.38
CA PRO A 76 -0.67 -28.40 0.76
C PRO A 76 -0.12 -29.74 0.36
N VAL A 77 -0.26 -30.13 -0.90
CA VAL A 77 0.27 -31.38 -1.39
C VAL A 77 1.69 -31.21 -1.88
N ASP A 78 1.92 -30.18 -2.69
CA ASP A 78 3.23 -29.85 -3.26
C ASP A 78 3.52 -28.43 -2.77
N PRO A 79 4.13 -28.25 -1.60
CA PRO A 79 4.28 -26.89 -1.06
C PRO A 79 5.24 -25.99 -1.82
N ASP A 80 5.91 -26.47 -2.89
CA ASP A 80 6.62 -25.54 -3.74
C ASP A 80 5.68 -24.68 -4.60
N LYS A 81 4.41 -25.06 -4.72
CA LYS A 81 3.49 -24.40 -5.66
C LYS A 81 2.69 -23.32 -4.94
N VAL A 82 2.54 -22.18 -5.59
CA VAL A 82 1.76 -21.07 -5.05
C VAL A 82 1.12 -20.35 -6.22
N TYR A 83 -0.05 -19.79 -5.98
CA TYR A 83 -0.87 -19.16 -7.01
C TYR A 83 -1.43 -17.88 -6.47
N ALA A 85 -4.37 -14.56 -7.54
CA ALA A 85 -5.30 -13.84 -8.41
C ALA A 85 -4.98 -12.37 -8.28
N THR A 86 -4.60 -11.76 -9.39
CA THR A 86 -4.10 -10.38 -9.35
C THR A 86 -4.77 -9.50 -10.40
N GLY A 87 -4.79 -8.20 -10.09
CA GLY A 87 -5.35 -7.17 -10.92
C GLY A 87 -6.00 -6.11 -10.05
N THR A 88 -6.34 -4.95 -10.65
CA THR A 88 -7.09 -3.87 -9.99
C THR A 88 -8.23 -3.40 -10.87
N TYR A 89 -9.18 -2.69 -10.26
CA TYR A 89 -10.21 -1.96 -11.00
C TYR A 89 -9.72 -0.56 -11.33
N THR A 90 -9.90 -0.18 -12.59
CA THR A 90 -9.62 1.15 -13.09
C THR A 90 -10.80 1.54 -13.95
N ASN A 91 -10.64 2.61 -14.70
CA ASN A 91 -11.66 3.02 -15.66
C ASN A 91 -11.43 2.41 -17.04
N SER A 92 -10.27 1.80 -17.26
CA SER A 92 -9.84 1.42 -18.60
C SER A 92 -10.68 0.28 -19.16
N TRP A 93 -10.90 0.33 -20.48
CA TRP A 93 -11.52 -0.79 -21.16
C TRP A 93 -10.53 -1.97 -21.23
N ASP A 94 -11.02 -3.17 -20.90
CA ASP A 94 -10.27 -4.43 -21.02
C ASP A 94 -9.14 -4.59 -19.98
N ASP A 95 -9.24 -3.93 -18.82
CA ASP A 95 -8.18 -3.99 -17.82
C ASP A 95 -8.27 -5.25 -16.94
N ASN A 96 -8.24 -6.41 -17.60
CA ASN A 96 -8.57 -7.66 -16.91
C ASN A 96 -7.43 -8.15 -16.03
N GLY A 97 -7.77 -9.06 -15.13
CA GLY A 97 -6.80 -9.64 -14.23
C GLY A 97 -6.19 -10.93 -14.77
N GLN A 98 -5.55 -11.65 -13.89
CA GLN A 98 -4.84 -12.87 -14.26
C GLN A 98 -4.71 -13.77 -13.04
N ILE A 99 -4.55 -15.07 -13.31
CA ILE A 99 -4.11 -16.01 -12.29
C ILE A 99 -2.64 -16.29 -12.57
N ARG A 101 0.91 -18.36 -11.42
CA ARG A 101 1.32 -19.64 -10.86
C ARG A 101 2.83 -19.71 -10.73
N SER A 102 3.31 -20.33 -9.65
CA SER A 102 4.74 -20.51 -9.44
C SER A 102 4.96 -21.93 -8.95
N GLY A 103 6.04 -22.56 -9.42
CA GLY A 103 6.43 -23.85 -8.91
C GLY A 103 7.65 -23.79 -8.03
N ASP A 104 8.11 -22.58 -7.66
CA ASP A 104 9.30 -22.40 -6.84
C ASP A 104 9.05 -21.37 -5.75
N ARG A 105 7.86 -21.45 -5.12
CA ARG A 105 7.55 -20.64 -3.92
C ARG A 105 7.56 -19.15 -4.20
N GLY A 106 7.29 -18.77 -5.45
CA GLY A 106 7.19 -17.40 -5.82
C GLY A 106 8.45 -16.79 -6.34
N ASN A 107 9.52 -17.58 -6.49
CA ASN A 107 10.74 -17.02 -7.09
C ASN A 107 10.53 -16.64 -8.54
N THR A 108 9.78 -17.46 -9.28
CA THR A 108 9.43 -17.17 -10.68
C THR A 108 7.97 -17.50 -10.92
N TRP A 109 7.38 -16.83 -11.92
CA TRP A 109 5.94 -16.91 -12.17
C TRP A 109 5.64 -17.08 -13.65
N GLN A 110 4.51 -17.73 -13.91
CA GLN A 110 3.81 -17.74 -15.18
C GLN A 110 2.41 -17.22 -14.94
N SER A 111 1.74 -16.76 -15.99
CA SER A 111 0.47 -16.04 -15.83
C SER A 111 -0.53 -16.44 -16.89
N THR A 112 -1.79 -16.60 -16.49
CA THR A 112 -2.89 -16.84 -17.42
C THR A 112 -3.90 -15.70 -17.32
N PRO A 113 -4.17 -14.99 -18.42
CA PRO A 113 -5.19 -13.93 -18.38
C PRO A 113 -6.57 -14.48 -18.08
N LEU A 114 -7.31 -13.71 -17.29
CA LEU A 114 -8.74 -13.97 -17.12
C LEU A 114 -9.53 -13.03 -18.00
N PRO A 115 -10.75 -13.38 -18.35
CA PRO A 115 -11.55 -12.52 -19.23
C PRO A 115 -12.36 -11.46 -18.49
N PHE A 116 -12.02 -11.21 -17.24
CA PHE A 116 -12.74 -10.25 -16.41
C PHE A 116 -11.74 -9.64 -15.44
N LYS A 117 -12.18 -8.61 -14.71
CA LYS A 117 -11.29 -7.88 -13.82
C LYS A 117 -11.16 -8.51 -12.43
N VAL A 118 -9.98 -8.36 -11.86
CA VAL A 118 -9.69 -8.72 -10.48
C VAL A 118 -9.53 -7.44 -9.68
N GLY A 119 -9.91 -7.48 -8.42
CA GLY A 119 -10.08 -6.23 -7.67
C GLY A 119 -9.21 -6.20 -6.44
N GLY A 120 -7.89 -6.34 -6.59
CA GLY A 120 -7.01 -6.30 -5.44
C GLY A 120 -7.06 -4.99 -4.66
N ASN A 121 -7.62 -3.92 -5.26
CA ASN A 121 -7.80 -2.60 -4.65
C ASN A 121 -9.22 -2.34 -4.17
N PRO A 123 -13.13 -2.92 -2.28
CA PRO A 123 -13.75 -3.38 -1.02
C PRO A 123 -13.88 -4.89 -0.98
N GLY A 124 -13.73 -5.48 0.21
CA GLY A 124 -13.83 -6.91 0.36
C GLY A 124 -12.55 -7.63 0.04
N ARG A 125 -11.46 -6.90 -0.20
CA ARG A 125 -10.20 -7.55 -0.55
C ARG A 125 -9.58 -8.38 0.59
N SER A 126 -10.03 -8.20 1.84
CA SER A 126 -9.58 -9.06 2.93
C SER A 126 -10.52 -10.23 3.21
N ALA A 127 -11.66 -10.31 2.51
CA ALA A 127 -12.46 -11.54 2.65
C ALA A 127 -11.72 -12.71 2.00
N GLY A 128 -11.94 -13.92 2.49
CA GLY A 128 -11.31 -15.06 1.84
C GLY A 128 -11.48 -16.30 2.67
N GLU A 129 -10.95 -17.41 2.13
CA GLU A 129 -10.04 -17.43 0.98
C GLU A 129 -10.82 -17.54 -0.34
N ARG A 130 -10.52 -16.67 -1.33
CA ARG A 130 -11.23 -16.74 -2.61
C ARG A 130 -10.51 -17.52 -3.69
N LEU A 131 -9.26 -17.92 -3.48
CA LEU A 131 -8.55 -18.80 -4.40
C LEU A 131 -8.09 -19.97 -3.56
N VAL A 132 -8.48 -21.19 -3.96
CA VAL A 132 -8.23 -22.37 -3.13
C VAL A 132 -7.77 -23.52 -4.00
N ILE A 133 -6.93 -24.37 -3.41
CA ILE A 133 -6.41 -25.57 -4.05
C ILE A 133 -7.04 -26.80 -3.37
N ASP A 134 -7.56 -27.73 -4.18
CA ASP A 134 -8.14 -28.94 -3.59
C ASP A 134 -7.05 -29.71 -2.82
N PRO A 135 -7.25 -29.97 -1.51
CA PRO A 135 -6.18 -30.56 -0.67
C PRO A 135 -5.93 -32.02 -0.94
N ASN A 136 -6.77 -32.68 -1.74
CA ASN A 136 -6.62 -34.07 -2.11
C ASN A 136 -6.14 -34.23 -3.52
N LYS A 137 -6.60 -33.38 -4.45
CA LYS A 137 -6.16 -33.45 -5.83
C LYS A 137 -5.75 -32.03 -6.22
N ASN A 138 -4.44 -31.75 -6.10
CA ASN A 138 -3.99 -30.34 -6.09
C ASN A 138 -3.93 -29.73 -7.49
N SER A 139 -4.26 -30.48 -8.53
CA SER A 139 -4.44 -29.92 -9.85
C SER A 139 -5.77 -29.20 -10.02
N ILE A 140 -6.66 -29.31 -9.04
CA ILE A 140 -7.96 -28.63 -9.04
C ILE A 140 -7.88 -27.37 -8.20
N LEU A 141 -8.24 -26.22 -8.80
CA LEU A 141 -8.37 -24.97 -8.05
C LEU A 141 -9.72 -24.34 -8.34
N PHE A 142 -10.23 -23.58 -7.35
CA PHE A 142 -11.44 -22.78 -7.56
C PHE A 142 -11.13 -21.32 -7.21
N PHE A 143 -11.81 -20.39 -7.92
CA PHE A 143 -11.67 -18.97 -7.67
C PHE A 143 -13.07 -18.38 -7.62
N GLY A 144 -13.33 -17.62 -6.54
CA GLY A 144 -14.59 -16.92 -6.38
C GLY A 144 -14.39 -15.49 -6.79
N ALA A 145 -15.09 -15.08 -7.84
CA ALA A 145 -14.83 -13.83 -8.53
C ALA A 145 -15.80 -12.72 -8.14
N ARG A 146 -15.43 -11.52 -8.52
CA ARG A 146 -16.23 -10.29 -8.33
C ARG A 146 -17.17 -10.04 -9.50
N SER A 147 -18.06 -9.08 -9.31
CA SER A 147 -18.78 -8.40 -10.39
C SER A 147 -19.76 -9.28 -11.13
N GLY A 148 -20.23 -10.35 -10.53
CA GLY A 148 -21.16 -11.24 -11.21
C GLY A 148 -20.49 -12.33 -12.03
N ASN A 149 -19.17 -12.43 -11.99
CA ASN A 149 -18.50 -13.48 -12.74
C ASN A 149 -18.60 -14.84 -12.05
N GLY A 150 -18.96 -14.90 -10.79
CA GLY A 150 -19.33 -16.16 -10.18
C GLY A 150 -18.13 -17.00 -9.76
N LEU A 151 -18.28 -18.31 -9.88
CA LEU A 151 -17.28 -19.29 -9.46
C LEU A 151 -16.59 -19.84 -10.69
N TRP A 152 -15.25 -19.87 -10.65
CA TRP A 152 -14.41 -20.36 -11.74
C TRP A 152 -13.52 -21.48 -11.22
N LYS A 153 -13.02 -22.32 -12.14
CA LYS A 153 -12.33 -23.54 -11.78
C LYS A 153 -11.25 -23.83 -12.80
N SER A 154 -10.17 -24.43 -12.32
CA SER A 154 -9.12 -25.02 -13.14
C SER A 154 -8.98 -26.48 -12.75
N THR A 155 -8.78 -27.35 -13.72
CA THR A 155 -8.40 -28.74 -13.42
C THR A 155 -7.00 -29.07 -13.97
N ASP A 156 -6.25 -28.08 -14.42
CA ASP A 156 -4.90 -28.29 -14.92
C ASP A 156 -3.87 -27.43 -14.17
N SER A 157 -4.01 -27.37 -12.85
CA SER A 157 -3.02 -26.68 -12.02
C SER A 157 -2.90 -25.19 -12.37
N GLY A 158 -4.06 -24.57 -12.67
CA GLY A 158 -4.09 -23.14 -12.84
C GLY A 158 -3.74 -22.64 -14.21
N VAL A 159 -3.46 -23.52 -15.17
CA VAL A 159 -3.07 -23.09 -16.49
C VAL A 159 -4.27 -22.56 -17.28
N THR A 160 -5.40 -23.24 -17.23
CA THR A 160 -6.61 -22.78 -17.90
C THR A 160 -7.74 -22.74 -16.91
N TRP A 161 -8.69 -21.82 -17.14
CA TRP A 161 -9.77 -21.50 -16.21
C TRP A 161 -11.07 -21.47 -16.98
N SER A 162 -12.13 -21.94 -16.33
CA SER A 162 -13.47 -21.86 -16.91
CA SER A 162 -13.48 -21.95 -16.91
C SER A 162 -14.50 -21.62 -15.83
N LYS A 163 -15.62 -21.01 -16.23
CA LYS A 163 -16.69 -20.71 -15.29
C LYS A 163 -17.38 -22.01 -14.87
N VAL A 164 -17.73 -22.10 -13.60
CA VAL A 164 -18.58 -23.19 -13.07
C VAL A 164 -20.03 -22.73 -13.28
N SER A 165 -20.63 -23.15 -14.40
CA SER A 165 -21.93 -22.58 -14.77
C SER A 165 -23.04 -22.97 -13.83
N SER A 166 -22.88 -24.04 -13.06
CA SER A 166 -23.94 -24.47 -12.18
C SER A 166 -23.98 -23.69 -10.87
N PHE A 167 -23.00 -22.83 -10.58
CA PHE A 167 -23.06 -22.10 -9.32
C PHE A 167 -24.25 -21.13 -9.35
N PRO A 168 -25.13 -21.18 -8.35
CA PRO A 168 -26.45 -20.54 -8.51
C PRO A 168 -26.54 -19.08 -8.13
N ASN A 169 -25.52 -18.46 -7.57
CA ASN A 169 -25.68 -17.12 -7.00
C ASN A 169 -24.34 -16.40 -7.13
N VAL A 170 -24.27 -15.45 -8.07
CA VAL A 170 -23.04 -14.70 -8.30
C VAL A 170 -22.90 -13.52 -7.34
N GLY A 171 -23.88 -13.29 -6.47
CA GLY A 171 -23.86 -12.14 -5.57
C GLY A 171 -24.98 -11.16 -5.82
N THR A 172 -25.44 -10.45 -4.78
CA THR A 172 -26.36 -9.34 -4.96
C THR A 172 -25.89 -8.04 -4.32
N TYR A 173 -25.00 -8.11 -3.33
CA TYR A 173 -24.61 -6.90 -2.62
C TYR A 173 -23.63 -6.05 -3.41
N ILE A 174 -23.83 -4.74 -3.37
CA ILE A 174 -22.98 -3.70 -3.98
C ILE A 174 -22.68 -2.67 -2.90
N GLN A 175 -21.38 -2.37 -2.68
CA GLN A 175 -21.06 -1.45 -1.58
C GLN A 175 -21.62 -0.05 -1.83
N ASN A 176 -21.57 0.42 -3.08
CA ASN A 176 -21.99 1.78 -3.44
C ASN A 176 -22.97 1.74 -4.61
N PRO A 177 -24.24 1.40 -4.34
CA PRO A 177 -25.16 1.02 -5.44
C PRO A 177 -25.56 2.15 -6.38
N THR A 178 -25.77 3.36 -5.87
CA THR A 178 -26.15 4.46 -6.74
C THR A 178 -24.95 5.19 -7.30
N LEU A 179 -23.73 4.74 -7.01
CA LEU A 179 -22.54 5.45 -7.46
C LEU A 179 -22.30 5.18 -8.94
N GLU A 180 -21.81 6.21 -9.63
CA GLU A 180 -21.69 6.19 -11.08
C GLU A 180 -20.46 5.37 -11.45
N TYR A 181 -20.69 4.22 -12.08
CA TYR A 181 -19.63 3.29 -12.48
C TYR A 181 -18.93 2.64 -11.29
N GLY A 182 -19.57 2.65 -10.12
CA GLY A 182 -19.18 1.84 -8.97
C GLY A 182 -20.28 0.87 -8.63
N ASN A 183 -21.11 0.58 -9.64
CA ASN A 183 -22.27 -0.30 -9.55
C ASN A 183 -21.90 -1.79 -9.48
N ASP A 184 -20.80 -2.14 -8.83
CA ASP A 184 -20.14 -3.42 -9.01
C ASP A 184 -20.51 -4.41 -7.90
N LEU A 185 -20.94 -5.62 -8.28
CA LEU A 185 -21.20 -6.66 -7.29
C LEU A 185 -19.90 -7.03 -6.59
N VAL A 186 -19.96 -7.20 -5.27
CA VAL A 186 -18.80 -7.71 -4.55
C VAL A 186 -18.50 -9.12 -5.01
N GLY A 187 -19.55 -9.95 -5.15
CA GLY A 187 -19.39 -11.31 -5.65
C GLY A 187 -19.22 -12.40 -4.62
N LEU A 188 -18.32 -13.35 -4.84
CA LEU A 188 -18.10 -14.45 -3.90
C LEU A 188 -17.09 -14.06 -2.84
N SER A 189 -17.29 -14.56 -1.61
CA SER A 189 -16.51 -14.12 -0.47
C SER A 189 -15.46 -15.09 -0.01
N TRP A 190 -15.70 -16.39 -0.13
CA TRP A 190 -14.74 -17.39 0.35
C TRP A 190 -15.17 -18.77 -0.13
N ILE A 191 -14.20 -19.66 -0.15
CA ILE A 191 -14.37 -21.05 -0.55
C ILE A 191 -13.61 -21.89 0.46
N THR A 192 -14.22 -23.00 0.89
CA THR A 192 -13.59 -23.89 1.86
C THR A 192 -13.94 -25.34 1.52
N PHE A 193 -12.92 -26.17 1.38
CA PHE A 193 -13.10 -27.61 1.16
C PHE A 193 -13.33 -28.33 2.49
N ASP A 194 -14.01 -29.48 2.45
CA ASP A 194 -13.94 -30.43 3.55
C ASP A 194 -12.98 -31.53 3.15
N PRO A 195 -11.74 -31.52 3.64
CA PRO A 195 -10.74 -32.48 3.14
C PRO A 195 -11.07 -33.93 3.44
N ASN A 196 -11.95 -34.21 4.41
CA ASN A 196 -12.33 -35.59 4.68
C ASN A 196 -13.13 -36.20 3.55
N THR A 197 -13.61 -35.40 2.59
CA THR A 197 -14.46 -35.89 1.53
C THR A 197 -13.72 -36.07 0.21
N GLY A 198 -12.38 -36.10 0.25
CA GLY A 198 -11.56 -36.59 -0.85
C GLY A 198 -10.51 -37.52 -0.27
N THR A 199 -9.65 -38.02 -1.15
CA THR A 199 -8.55 -38.90 -0.80
C THR A 199 -7.41 -38.54 -1.75
N PRO A 200 -6.17 -38.86 -1.39
CA PRO A 200 -5.05 -38.38 -2.24
C PRO A 200 -5.22 -38.76 -3.71
N GLY A 201 -5.16 -37.73 -4.56
CA GLY A 201 -5.29 -37.91 -6.00
C GLY A 201 -6.71 -37.88 -6.50
N ASN A 202 -7.71 -37.74 -5.62
CA ASN A 202 -9.12 -37.82 -5.98
C ASN A 202 -9.82 -36.57 -5.48
N ALA A 203 -10.63 -35.96 -6.34
CA ALA A 203 -11.23 -34.67 -6.01
C ALA A 203 -12.04 -34.66 -4.72
N THR A 204 -11.86 -33.60 -3.94
CA THR A 204 -12.66 -33.41 -2.74
C THR A 204 -14.11 -33.11 -3.11
N GLN A 205 -15.04 -33.83 -2.50
CA GLN A 205 -16.43 -33.76 -2.96
C GLN A 205 -17.25 -32.70 -2.26
N THR A 206 -16.97 -32.39 -1.01
CA THR A 206 -17.78 -31.40 -0.32
C THR A 206 -17.01 -30.07 -0.27
N ILE A 207 -17.68 -29.01 -0.76
CA ILE A 207 -17.13 -27.67 -0.88
C ILE A 207 -18.19 -26.70 -0.37
N TYR A 208 -17.76 -25.72 0.43
CA TYR A 208 -18.60 -24.64 0.95
C TYR A 208 -18.18 -23.32 0.29
N VAL A 209 -19.13 -22.47 -0.05
CA VAL A 209 -18.87 -21.17 -0.67
C VAL A 209 -19.72 -20.13 0.04
N GLY A 210 -19.09 -19.02 0.42
CA GLY A 210 -19.79 -17.84 0.93
C GLY A 210 -19.95 -16.81 -0.17
N VAL A 211 -21.13 -16.17 -0.22
CA VAL A 211 -21.47 -15.24 -1.30
C VAL A 211 -21.94 -13.95 -0.66
N ALA A 212 -21.56 -12.80 -1.23
CA ALA A 212 -22.04 -11.50 -0.74
C ALA A 212 -23.47 -11.27 -1.23
N ASP A 213 -24.41 -11.89 -0.50
CA ASP A 213 -25.86 -11.78 -0.74
C ASP A 213 -26.51 -11.97 0.62
N THR A 214 -27.08 -10.92 1.19
CA THR A 214 -27.54 -11.09 2.56
C THR A 214 -28.72 -12.06 2.69
N ALA A 215 -29.48 -12.32 1.63
CA ALA A 215 -30.64 -13.20 1.71
C ALA A 215 -30.26 -14.65 1.50
N SER A 216 -29.06 -14.93 0.99
CA SER A 216 -28.69 -16.33 0.72
C SER A 216 -27.18 -16.33 0.48
N SER A 217 -26.42 -16.56 1.54
CA SER A 217 -24.99 -16.32 1.50
C SER A 217 -24.13 -17.55 1.62
N VAL A 218 -24.66 -18.72 1.95
CA VAL A 218 -23.83 -19.91 2.15
C VAL A 218 -24.33 -21.09 1.34
N TYR A 219 -23.45 -21.64 0.52
CA TYR A 219 -23.77 -22.72 -0.40
C TYR A 219 -22.86 -23.90 -0.16
N ARG A 220 -23.37 -25.09 -0.49
CA ARG A 220 -22.58 -26.30 -0.43
C ARG A 220 -22.78 -27.15 -1.66
N SER A 221 -21.69 -27.80 -2.09
CA SER A 221 -21.75 -28.91 -3.03
C SER A 221 -21.27 -30.16 -2.32
N THR A 222 -21.89 -31.31 -2.61
CA THR A 222 -21.40 -32.60 -2.13
C THR A 222 -20.92 -33.44 -3.29
N ASP A 223 -20.82 -32.86 -4.49
CA ASP A 223 -20.40 -33.63 -5.65
C ASP A 223 -19.30 -32.91 -6.41
N GLY A 224 -18.38 -32.28 -5.68
CA GLY A 224 -17.21 -31.71 -6.31
C GLY A 224 -17.47 -30.43 -7.08
N GLY A 225 -18.59 -29.79 -6.82
CA GLY A 225 -18.92 -28.57 -7.52
C GLY A 225 -19.82 -28.75 -8.72
N ALA A 226 -20.27 -29.98 -9.01
CA ALA A 226 -21.20 -30.16 -10.12
C ALA A 226 -22.52 -29.48 -9.84
N THR A 227 -23.02 -29.58 -8.60
CA THR A 227 -24.29 -29.00 -8.21
C THR A 227 -24.19 -28.44 -6.82
N TRP A 228 -25.08 -27.49 -6.52
CA TRP A 228 -24.96 -26.63 -5.34
C TRP A 228 -26.33 -26.45 -4.71
N THR A 229 -26.33 -26.28 -3.39
CA THR A 229 -27.53 -26.01 -2.63
C THR A 229 -27.25 -24.93 -1.61
N ALA A 230 -28.21 -24.07 -1.34
CA ALA A 230 -28.12 -23.18 -0.20
C ALA A 230 -28.37 -23.99 1.07
N ILE A 231 -27.51 -23.83 2.07
CA ILE A 231 -27.58 -24.68 3.26
C ILE A 231 -28.84 -24.32 4.06
N PRO A 232 -29.66 -25.28 4.43
CA PRO A 232 -30.83 -25.01 5.29
C PRO A 232 -30.43 -24.43 6.62
N GLY A 233 -31.24 -23.47 7.09
CA GLY A 233 -31.08 -22.95 8.43
C GLY A 233 -30.10 -21.81 8.59
N GLN A 234 -29.48 -21.37 7.50
CA GLN A 234 -28.44 -20.38 7.62
C GLN A 234 -29.03 -19.02 8.01
N PRO A 235 -28.23 -18.18 8.67
CA PRO A 235 -28.71 -16.86 9.04
C PRO A 235 -28.81 -15.95 7.82
N THR A 236 -29.63 -14.91 7.95
CA THR A 236 -29.89 -13.94 6.89
C THR A 236 -29.65 -12.55 7.42
N GLY A 237 -29.28 -11.64 6.52
CA GLY A 237 -29.20 -10.21 6.83
C GLY A 237 -27.80 -9.63 6.79
N TYR A 238 -26.77 -10.44 6.88
CA TYR A 238 -25.40 -9.93 6.96
C TYR A 238 -24.57 -10.59 5.85
N LEU A 239 -23.34 -10.10 5.68
CA LEU A 239 -22.42 -10.51 4.62
C LEU A 239 -21.29 -11.31 5.21
N PRO A 240 -21.03 -12.53 4.74
CA PRO A 240 -19.93 -13.33 5.30
CA PRO A 240 -19.93 -13.32 5.31
C PRO A 240 -18.58 -12.79 4.86
N HIS A 241 -17.64 -12.76 5.79
CA HIS A 241 -16.28 -12.30 5.49
C HIS A 241 -15.30 -13.47 5.34
N HIS A 242 -15.33 -14.42 6.28
CA HIS A 242 -14.50 -15.61 6.24
C HIS A 242 -15.36 -16.80 6.63
N GLY A 243 -14.97 -17.96 6.10
CA GLY A 243 -15.55 -19.24 6.49
C GLY A 243 -14.42 -20.22 6.69
N VAL A 244 -14.32 -20.80 7.88
CA VAL A 244 -13.23 -21.72 8.21
C VAL A 244 -13.83 -23.01 8.73
N LEU A 245 -13.47 -24.12 8.14
CA LEU A 245 -13.94 -25.43 8.60
C LEU A 245 -12.92 -26.04 9.54
N SER A 246 -13.26 -26.14 10.81
CA SER A 246 -12.40 -26.85 11.74
C SER A 246 -12.43 -28.35 11.47
N SER A 247 -11.36 -29.04 11.83
CA SER A 247 -11.32 -30.49 11.69
C SER A 247 -12.33 -31.18 12.60
N THR A 248 -12.88 -30.47 13.58
CA THR A 248 -13.98 -30.99 14.39
C THR A 248 -15.25 -31.16 13.59
N GLY A 249 -15.38 -30.52 12.45
CA GLY A 249 -16.60 -30.54 11.68
C GLY A 249 -17.38 -29.25 11.77
N ASP A 250 -16.99 -28.31 12.60
CA ASP A 250 -17.71 -27.05 12.73
C ASP A 250 -17.19 -26.05 11.68
N LEU A 251 -18.10 -25.53 10.90
CA LEU A 251 -17.82 -24.44 9.96
C LEU A 251 -18.14 -23.13 10.67
N TYR A 252 -17.11 -22.31 10.90
CA TYR A 252 -17.25 -20.99 11.53
C TYR A 252 -17.33 -19.93 10.44
N ILE A 253 -18.20 -18.93 10.63
CA ILE A 253 -18.35 -17.85 9.65
C ILE A 253 -18.47 -16.51 10.38
N THR A 254 -17.63 -15.53 10.00
CA THR A 254 -17.77 -14.16 10.51
C THR A 254 -18.63 -13.38 9.53
N TYR A 255 -19.48 -12.51 10.06
CA TYR A 255 -20.37 -11.67 9.26
C TYR A 255 -20.28 -10.22 9.66
N SER A 256 -20.57 -9.36 8.70
CA SER A 256 -20.61 -7.93 8.88
C SER A 256 -21.72 -7.35 8.04
N ASN A 257 -22.15 -6.16 8.38
CA ASN A 257 -23.05 -5.43 7.48
C ASN A 257 -22.30 -4.61 6.42
N GLY A 258 -21.00 -4.80 6.29
CA GLY A 258 -20.23 -4.29 5.18
C GLY A 258 -19.25 -5.36 4.74
N VAL A 259 -18.59 -5.10 3.60
CA VAL A 259 -17.57 -6.07 3.17
C VAL A 259 -16.16 -5.73 3.59
N GLY A 260 -15.92 -4.54 4.14
CA GLY A 260 -14.59 -4.18 4.55
C GLY A 260 -13.86 -3.48 3.43
N PRO A 261 -12.69 -2.91 3.75
CA PRO A 261 -12.02 -3.00 5.05
C PRO A 261 -12.33 -1.86 6.01
N TYR A 262 -13.07 -0.86 5.55
CA TYR A 262 -13.43 0.28 6.41
C TYR A 262 -14.83 0.15 6.99
N ASP A 263 -15.78 -0.26 6.18
CA ASP A 263 -17.21 -0.25 6.54
C ASP A 263 -17.53 -1.52 7.31
N GLY A 264 -18.41 -1.40 8.30
CA GLY A 264 -18.79 -2.49 9.17
C GLY A 264 -19.24 -1.93 10.52
N SER A 265 -20.54 -1.85 10.72
CA SER A 265 -21.10 -1.26 11.91
C SER A 265 -21.98 -2.21 12.70
N LYS A 266 -22.09 -3.46 12.28
CA LYS A 266 -22.87 -4.51 12.92
C LYS A 266 -22.30 -5.82 12.42
N GLY A 267 -22.44 -6.87 13.22
CA GLY A 267 -21.93 -8.17 12.78
C GLY A 267 -22.41 -9.30 13.65
N GLU A 268 -22.15 -10.53 13.18
CA GLU A 268 -22.46 -11.74 13.90
C GLU A 268 -21.38 -12.75 13.63
N VAL A 269 -21.30 -13.78 14.47
CA VAL A 269 -20.46 -14.95 14.22
C VAL A 269 -21.34 -16.17 14.41
N TRP A 270 -21.32 -17.07 13.43
CA TRP A 270 -22.09 -18.29 13.53
C TRP A 270 -21.20 -19.50 13.34
N LYS A 271 -21.69 -20.64 13.81
CA LYS A 271 -21.10 -21.92 13.46
C LYS A 271 -22.20 -22.86 12.95
N LEU A 272 -21.79 -23.71 12.02
CA LEU A 272 -22.62 -24.80 11.53
C LEU A 272 -21.92 -26.10 11.90
N ASN A 273 -22.63 -26.96 12.62
CA ASN A 273 -22.12 -28.31 12.86
C ASN A 273 -22.42 -29.08 11.59
N THR A 274 -21.40 -29.36 10.78
CA THR A 274 -21.68 -29.92 9.46
C THR A 274 -22.18 -31.34 9.52
N ALA A 275 -21.95 -32.03 10.61
CA ALA A 275 -22.49 -33.40 10.75
C ALA A 275 -23.98 -33.41 11.09
N SER A 276 -24.43 -32.51 11.96
CA SER A 276 -25.82 -32.54 12.43
C SER A 276 -26.69 -31.54 11.71
N GLY A 277 -26.10 -30.57 11.00
CA GLY A 277 -26.83 -29.55 10.30
C GLY A 277 -27.27 -28.39 11.16
N ALA A 278 -26.92 -28.36 12.46
CA ALA A 278 -27.40 -27.32 13.36
C ALA A 278 -26.51 -26.09 13.34
N TRP A 279 -27.14 -24.92 13.29
CA TRP A 279 -26.47 -23.62 13.27
C TRP A 279 -26.61 -23.04 14.66
N THR A 280 -25.56 -22.37 15.12
CA THR A 280 -25.60 -21.68 16.40
C THR A 280 -25.01 -20.29 16.24
N ASN A 281 -25.68 -19.30 16.86
CA ASN A 281 -25.20 -17.92 16.88
C ASN A 281 -24.23 -17.84 18.06
N ILE A 282 -22.94 -17.67 17.78
CA ILE A 282 -21.89 -17.60 18.79
C ILE A 282 -21.28 -16.20 18.79
N SER A 283 -22.06 -15.18 18.44
CA SER A 283 -21.51 -13.83 18.35
C SER A 283 -20.98 -13.42 19.73
N PRO A 284 -19.74 -12.89 19.81
CA PRO A 284 -19.25 -12.40 21.10
C PRO A 284 -20.02 -11.23 21.67
N SER A 285 -20.61 -10.39 20.83
CA SER A 285 -21.34 -9.23 21.31
C SER A 285 -22.54 -9.05 20.40
N ALA A 286 -23.54 -8.33 20.88
CA ALA A 286 -24.80 -8.21 20.15
C ALA A 286 -25.51 -6.93 20.53
N GLY A 287 -26.48 -6.54 19.71
CA GLY A 287 -27.29 -5.35 19.98
C GLY A 287 -26.41 -4.11 20.06
N THR A 288 -26.72 -3.23 21.02
CA THR A 288 -25.94 -2.00 21.13
C THR A 288 -24.53 -2.25 21.64
N ASP A 289 -24.24 -3.45 22.13
CA ASP A 289 -22.87 -3.78 22.49
C ASP A 289 -22.07 -4.22 21.28
N ASN A 290 -22.67 -4.20 20.10
CA ASN A 290 -21.96 -4.57 18.89
C ASN A 290 -22.17 -3.43 17.90
N TRP A 291 -21.11 -2.76 17.53
CA TRP A 291 -21.17 -1.63 16.60
C TRP A 291 -20.18 -1.81 15.46
N TYR A 292 -19.86 -3.06 15.14
CA TYR A 292 -18.76 -3.37 14.24
C TYR A 292 -19.05 -4.70 13.59
N GLY A 293 -18.52 -4.89 12.38
CA GLY A 293 -18.53 -6.21 11.81
C GLY A 293 -17.57 -7.14 12.53
N PHE A 294 -17.72 -8.45 12.30
CA PHE A 294 -16.66 -9.39 12.63
C PHE A 294 -15.90 -9.71 11.35
N GLY A 295 -14.57 -9.60 11.43
CA GLY A 295 -13.74 -9.71 10.26
C GLY A 295 -12.89 -10.96 10.34
N GLY A 296 -11.71 -10.82 10.93
CA GLY A 296 -10.79 -11.93 10.99
C GLY A 296 -11.37 -13.11 11.75
N LEU A 297 -10.98 -14.29 11.30
CA LEU A 297 -11.44 -15.56 11.86
C LEU A 297 -10.33 -16.59 11.74
N ALA A 298 -9.99 -17.23 12.86
CA ALA A 298 -8.95 -18.26 12.85
C ALA A 298 -9.37 -19.42 13.73
N VAL A 299 -9.10 -20.63 13.26
CA VAL A 299 -9.21 -21.84 14.06
C VAL A 299 -7.82 -22.40 14.26
N ASP A 300 -7.54 -22.85 15.48
CA ASP A 300 -6.24 -23.40 15.85
C ASP A 300 -6.17 -24.85 15.40
N ALA A 301 -5.38 -25.18 14.37
CA ALA A 301 -5.41 -26.55 13.84
C ALA A 301 -4.97 -27.58 14.90
N GLN A 302 -4.00 -27.25 15.75
CA GLN A 302 -3.52 -28.18 16.75
CA GLN A 302 -3.56 -28.23 16.72
C GLN A 302 -4.53 -28.37 17.87
N HIS A 303 -5.41 -27.40 18.08
CA HIS A 303 -6.40 -27.43 19.16
C HIS A 303 -7.69 -26.90 18.56
N PRO A 304 -8.41 -27.72 17.79
CA PRO A 304 -9.40 -27.20 16.85
C PRO A 304 -10.75 -26.83 17.47
N ASP A 305 -10.84 -26.90 18.80
CA ASP A 305 -11.91 -26.23 19.53
C ASP A 305 -11.57 -24.78 19.88
N THR A 306 -10.38 -24.31 19.51
CA THR A 306 -9.99 -22.94 19.78
C THR A 306 -10.23 -22.10 18.53
N VAL A 307 -10.99 -21.00 18.69
CA VAL A 307 -11.34 -20.11 17.60
CA VAL A 307 -11.37 -20.11 17.61
C VAL A 307 -11.18 -18.68 18.08
N VAL A 309 -11.75 -14.38 16.72
CA VAL A 309 -12.28 -13.44 15.73
C VAL A 309 -11.85 -12.04 16.12
N SER A 310 -11.85 -11.13 15.15
CA SER A 310 -11.53 -9.72 15.40
C SER A 310 -12.69 -8.82 14.96
N SER A 311 -12.75 -7.65 15.58
CA SER A 311 -13.65 -6.61 15.13
C SER A 311 -13.19 -5.96 13.83
N LEU A 312 -14.16 -5.55 13.01
CA LEU A 312 -13.89 -4.87 11.73
C LEU A 312 -15.07 -3.92 11.48
N ASN A 313 -15.02 -2.67 11.99
CA ASN A 313 -14.02 -2.09 12.88
C ASN A 313 -14.76 -1.47 14.03
N ALA A 314 -14.21 -1.64 15.22
CA ALA A 314 -14.80 -1.05 16.43
C ALA A 314 -14.35 0.40 16.61
N TRP A 315 -13.14 0.74 16.14
CA TRP A 315 -12.53 2.08 16.14
C TRP A 315 -12.15 2.58 17.53
N TRP A 316 -13.05 2.54 18.49
CA TRP A 316 -12.81 3.23 19.74
C TRP A 316 -13.13 2.32 20.91
N PRO A 317 -12.29 2.28 21.95
CA PRO A 317 -11.01 2.96 22.12
C PRO A 317 -9.94 2.22 21.30
N ASP A 318 -10.23 0.98 20.93
CA ASP A 318 -9.35 0.18 20.08
C ASP A 318 -10.19 -0.95 19.49
N GLU A 319 -9.58 -1.73 18.60
CA GLU A 319 -10.18 -2.98 18.14
C GLU A 319 -10.17 -4.01 19.27
N VAL A 320 -10.88 -5.11 19.06
CA VAL A 320 -10.99 -6.22 20.00
C VAL A 320 -10.66 -7.51 19.27
N ILE A 321 -9.84 -8.36 19.90
CA ILE A 321 -9.71 -9.76 19.51
C ILE A 321 -10.42 -10.59 20.57
N PHE A 322 -11.20 -11.57 20.14
CA PHE A 322 -11.94 -12.45 21.03
C PHE A 322 -11.41 -13.86 20.85
N ARG A 323 -11.25 -14.59 21.95
CA ARG A 323 -10.74 -15.97 21.90
C ARG A 323 -11.66 -16.89 22.67
N SER A 324 -11.97 -18.02 22.05
CA SER A 324 -12.77 -19.08 22.68
C SER A 324 -11.98 -20.38 22.60
N THR A 325 -11.94 -21.14 23.69
CA THR A 325 -11.32 -22.47 23.67
C THR A 325 -12.37 -23.57 23.69
N ASN A 326 -13.65 -23.22 23.54
CA ASN A 326 -14.75 -24.17 23.60
C ASN A 326 -15.70 -23.98 22.44
N GLY A 327 -15.15 -23.73 21.27
CA GLY A 327 -15.94 -23.73 20.05
C GLY A 327 -16.93 -22.59 19.97
N GLY A 328 -16.62 -21.47 20.59
CA GLY A 328 -17.53 -20.35 20.63
C GLY A 328 -18.53 -20.33 21.75
N ALA A 329 -18.56 -21.33 22.63
CA ALA A 329 -19.57 -21.35 23.69
C ALA A 329 -19.38 -20.16 24.60
N THR A 330 -18.12 -19.82 24.91
CA THR A 330 -17.84 -18.60 25.67
C THR A 330 -16.60 -17.96 25.08
N TRP A 331 -16.47 -16.65 25.27
CA TRP A 331 -15.35 -15.87 24.73
C TRP A 331 -14.69 -15.06 25.81
N SER A 332 -13.37 -14.88 25.64
CA SER A 332 -12.55 -13.95 26.40
C SER A 332 -12.14 -12.82 25.45
N ARG A 333 -12.22 -11.59 25.89
CA ARG A 333 -11.76 -10.46 25.12
C ARG A 333 -10.28 -10.18 25.44
N ILE A 334 -9.56 -9.61 24.46
CA ILE A 334 -8.15 -9.31 24.76
C ILE A 334 -7.97 -8.10 25.66
N TRP A 335 -9.03 -7.33 25.89
CA TRP A 335 -9.05 -6.26 26.87
C TRP A 335 -10.48 -6.08 27.35
N ASP A 336 -10.61 -5.57 28.55
CA ASP A 336 -11.91 -5.35 29.18
C ASP A 336 -11.89 -3.99 29.87
N TRP A 337 -13.07 -3.41 30.03
CA TRP A 337 -13.17 -2.24 30.88
C TRP A 337 -12.93 -2.60 32.33
N GLY A 338 -12.23 -1.74 33.04
CA GLY A 338 -12.21 -1.75 34.49
C GLY A 338 -13.10 -0.64 35.00
N SER A 339 -12.61 0.13 35.96
CA SER A 339 -13.30 1.31 36.41
C SER A 339 -13.16 2.37 35.33
N TYR A 340 -14.27 2.66 34.65
CA TYR A 340 -14.20 3.50 33.46
C TYR A 340 -13.57 4.85 33.83
N PRO A 341 -12.64 5.37 33.00
CA PRO A 341 -12.21 5.01 31.64
C PRO A 341 -11.13 3.93 31.58
N GLU A 342 -10.69 3.39 32.71
CA GLU A 342 -9.58 2.44 32.69
C GLU A 342 -9.97 1.11 32.08
N ARG A 343 -8.98 0.44 31.49
CA ARG A 343 -9.13 -0.85 30.85
C ARG A 343 -8.08 -1.78 31.45
N SER A 344 -8.40 -3.07 31.46
CA SER A 344 -7.45 -4.12 31.73
C SER A 344 -7.07 -4.78 30.41
N TYR A 345 -5.85 -5.30 30.34
CA TYR A 345 -5.31 -5.79 29.08
C TYR A 345 -4.77 -7.20 29.24
N LYS A 346 -4.98 -8.04 28.24
CA LYS A 346 -4.31 -9.34 28.22
CA LYS A 346 -4.37 -9.37 28.16
C LYS A 346 -3.17 -9.37 27.24
N PHE A 347 -2.77 -8.20 26.74
CA PHE A 347 -1.70 -8.12 25.75
C PHE A 347 -0.83 -6.92 26.09
N ALA A 348 0.38 -6.95 25.54
CA ALA A 348 1.29 -5.82 25.57
C ALA A 348 1.86 -5.65 24.17
N ASP A 350 4.66 -4.43 21.44
CA ASP A 350 6.10 -4.20 21.32
C ASP A 350 6.35 -3.67 19.90
N ILE A 351 6.71 -2.39 19.81
CA ILE A 351 6.98 -1.80 18.51
C ILE A 351 8.42 -1.38 18.39
N THR A 352 9.32 -2.03 19.13
CA THR A 352 10.74 -1.71 18.99
C THR A 352 11.28 -1.89 17.57
N ALA A 353 10.66 -2.76 16.76
CA ALA A 353 11.11 -2.91 15.39
C ALA A 353 10.61 -1.81 14.48
N ALA A 354 9.68 -0.92 14.94
CA ALA A 354 9.20 0.23 14.15
C ALA A 354 8.66 1.26 15.14
N PRO A 355 9.54 1.96 15.85
CA PRO A 355 9.07 2.80 16.98
C PRO A 355 8.17 3.94 16.53
N TRP A 356 8.24 4.33 15.27
CA TRP A 356 7.37 5.37 14.76
C TRP A 356 5.89 5.00 14.80
N LEU A 357 5.54 3.74 15.03
CA LEU A 357 4.13 3.36 15.13
C LEU A 357 3.41 3.98 16.32
N ASN A 358 4.12 4.64 17.22
CA ASN A 358 3.44 5.46 18.23
C ASN A 358 3.01 6.81 17.70
N HIS A 359 3.34 7.13 16.44
CA HIS A 359 2.97 8.41 15.83
C HIS A 359 3.47 9.62 16.60
N GLY A 360 4.58 9.46 17.34
CA GLY A 360 5.12 10.53 18.14
C GLY A 360 4.29 10.90 19.35
N VAL A 361 3.36 10.04 19.74
CA VAL A 361 2.54 10.22 20.93
C VAL A 361 3.05 9.16 21.91
N THR A 362 3.88 9.59 22.85
CA THR A 362 4.62 8.63 23.68
C THR A 362 3.74 8.03 24.78
N ASN A 363 2.91 8.86 25.42
CA ASN A 363 2.03 8.36 26.47
C ASN A 363 0.88 7.57 25.89
N SER A 364 0.75 6.32 26.30
CA SER A 364 -0.34 5.48 25.83
C SER A 364 -1.39 5.46 26.93
N THR A 365 -2.59 5.94 26.64
CA THR A 365 -3.63 5.99 27.67
C THR A 365 -4.74 5.01 27.31
N SER A 366 -5.66 4.83 28.26
CA SER A 366 -6.74 3.87 28.07
CA SER A 366 -6.73 3.87 28.07
C SER A 366 -7.63 4.26 26.90
N LEU A 367 -8.00 5.54 26.82
CA LEU A 367 -8.88 5.92 25.73
C LEU A 367 -8.14 6.35 24.47
N ASP A 368 -6.84 6.54 24.55
CA ASP A 368 -6.00 6.89 23.40
C ASP A 368 -4.74 6.03 23.39
N PRO A 369 -4.88 4.75 23.09
CA PRO A 369 -3.71 3.88 23.09
C PRO A 369 -2.76 4.26 21.97
N SER A 370 -1.49 4.18 22.27
CA SER A 370 -0.49 4.46 21.27
C SER A 370 0.70 3.56 21.54
N PRO A 371 0.95 2.55 20.72
CA PRO A 371 0.25 2.17 19.49
C PRO A 371 -1.06 1.48 19.78
N LYS A 372 -2.00 1.55 18.84
CA LYS A 372 -3.21 0.74 18.93
C LYS A 372 -2.91 -0.72 18.58
N LEU A 373 -3.78 -1.60 19.07
CA LEU A 373 -3.76 -2.99 18.67
C LEU A 373 -3.86 -3.11 17.16
N GLY A 374 -4.68 -2.30 16.53
CA GLY A 374 -4.75 -2.33 15.09
C GLY A 374 -6.01 -1.64 14.62
N TRP A 375 -6.26 -1.82 13.32
CA TRP A 375 -7.43 -1.33 12.60
CA TRP A 375 -7.48 -1.41 12.63
C TRP A 375 -7.41 -2.02 11.23
N GLY A 378 -8.84 -7.35 8.95
CA GLY A 378 -9.70 -8.20 8.13
C GLY A 378 -9.26 -9.64 8.12
N ASP A 379 -7.99 -9.92 8.43
CA ASP A 379 -7.43 -11.27 8.41
C ASP A 379 -6.58 -11.53 9.65
N LEU A 380 -6.92 -12.62 10.33
CA LEU A 380 -6.31 -13.09 11.57
C LEU A 380 -6.01 -14.58 11.37
N GLU A 381 -4.79 -15.04 11.70
CA GLU A 381 -4.43 -16.42 11.42
C GLU A 381 -3.64 -17.01 12.57
N ILE A 382 -3.93 -18.26 12.91
CA ILE A 382 -3.15 -19.03 13.88
C ILE A 382 -2.30 -20.04 13.12
N ASP A 383 -1.03 -20.11 13.44
CA ASP A 383 -0.13 -21.04 12.79
C ASP A 383 -0.64 -22.47 12.98
N PRO A 384 -0.86 -23.27 11.91
CA PRO A 384 -1.43 -24.60 12.07
C PRO A 384 -0.46 -25.56 12.71
N PHE A 385 0.81 -25.18 12.88
CA PHE A 385 1.82 -26.02 13.53
C PHE A 385 2.29 -25.46 14.84
N ASN A 386 1.64 -24.39 15.31
CA ASN A 386 2.07 -23.81 16.58
C ASN A 386 0.94 -22.95 17.11
N SER A 387 0.24 -23.48 18.11
CA SER A 387 -0.89 -22.77 18.68
C SER A 387 -0.48 -21.49 19.34
N ASN A 388 0.80 -21.32 19.62
CA ASN A 388 1.30 -20.11 20.25
C ASN A 388 1.58 -18.96 19.28
N ARG A 389 1.47 -19.18 17.98
CA ARG A 389 1.76 -18.11 17.01
C ARG A 389 0.49 -17.69 16.30
N TYR A 392 -1.66 -11.08 12.35
CA TYR A 392 -2.79 -10.42 11.73
C TYR A 392 -2.31 -9.19 10.96
N GLY A 393 -3.04 -8.84 9.91
CA GLY A 393 -2.74 -7.63 9.17
C GLY A 393 -3.54 -6.46 9.69
N THR A 394 -2.95 -5.28 9.62
CA THR A 394 -3.67 -4.03 9.86
C THR A 394 -3.53 -3.13 8.65
N GLY A 395 -4.06 -1.91 8.76
CA GLY A 395 -3.88 -0.91 7.71
C GLY A 395 -2.46 -0.38 7.61
N ALA A 396 -1.58 -0.73 8.55
CA ALA A 396 -0.21 -0.24 8.52
C ALA A 396 0.86 -1.34 8.62
N THR A 397 0.55 -2.53 9.12
CA THR A 397 1.62 -3.48 9.44
C THR A 397 1.08 -4.91 9.53
N ILE A 398 1.99 -5.82 9.89
CA ILE A 398 1.64 -7.17 10.33
C ILE A 398 2.08 -7.27 11.77
N TYR A 399 1.17 -7.64 12.64
CA TYR A 399 1.49 -7.90 14.02
C TYR A 399 1.42 -9.39 14.30
N GLY A 400 2.14 -9.84 15.33
CA GLY A 400 1.99 -11.23 15.68
C GLY A 400 2.50 -11.50 17.06
N THR A 401 2.28 -12.73 17.51
CA THR A 401 2.77 -13.16 18.80
C THR A 401 3.38 -14.56 18.67
N ASN A 402 4.28 -14.87 19.59
CA ASN A 402 4.75 -16.24 19.77
C ASN A 402 4.37 -16.80 21.12
N ASN A 403 3.49 -16.11 21.87
CA ASN A 403 3.04 -16.67 23.14
C ASN A 403 1.51 -16.57 23.28
N LEU A 404 0.77 -16.94 22.22
CA LEU A 404 -0.69 -16.76 22.23
C LEU A 404 -1.35 -17.52 23.35
N THR A 405 -0.89 -18.73 23.67
CA THR A 405 -1.57 -19.52 24.67
C THR A 405 -1.40 -18.98 26.07
N SER A 406 -0.52 -18.01 26.29
CA SER A 406 -0.47 -17.35 27.59
C SER A 406 -1.81 -16.72 27.93
N TRP A 407 -2.60 -16.36 26.92
CA TRP A 407 -3.95 -15.87 27.18
C TRP A 407 -4.75 -16.81 28.08
N ASP A 408 -4.62 -18.12 27.87
CA ASP A 408 -5.44 -19.10 28.54
C ASP A 408 -5.00 -19.34 29.98
N THR A 409 -3.77 -18.98 30.35
CA THR A 409 -3.25 -19.21 31.69
C THR A 409 -3.06 -17.91 32.48
N GLY A 410 -3.55 -16.79 31.97
CA GLY A 410 -3.49 -15.57 32.74
C GLY A 410 -2.26 -14.71 32.48
N GLY A 411 -1.38 -15.11 31.55
CA GLY A 411 -0.23 -14.31 31.18
C GLY A 411 -0.59 -13.31 30.10
N LYS A 412 0.27 -12.35 29.89
CA LYS A 412 0.06 -11.35 28.86
C LYS A 412 0.61 -11.87 27.54
N VAL A 413 -0.15 -11.70 26.48
CA VAL A 413 0.26 -12.03 25.12
C VAL A 413 1.13 -10.90 24.61
N ASN A 414 2.36 -11.19 24.20
CA ASN A 414 3.20 -10.13 23.67
C ASN A 414 3.01 -10.02 22.18
N ILE A 415 2.54 -8.87 21.72
CA ILE A 415 2.26 -8.65 20.31
C ILE A 415 3.33 -7.74 19.73
N ALA A 416 4.05 -8.22 18.72
CA ALA A 416 5.14 -7.45 18.18
C ALA A 416 4.95 -7.22 16.68
N VAL A 417 5.62 -6.20 16.16
CA VAL A 417 5.68 -6.02 14.71
C VAL A 417 6.34 -7.24 14.12
N ALA A 419 6.64 -7.64 10.56
CA ALA A 419 6.67 -7.22 9.15
C ALA A 419 8.07 -6.86 8.67
N LYS A 420 9.13 -7.38 9.29
CA LYS A 420 10.47 -7.11 8.80
C LYS A 420 10.58 -7.55 7.35
N GLY A 421 11.15 -6.70 6.49
CA GLY A 421 11.25 -6.99 5.08
C GLY A 421 10.09 -6.47 4.23
N VAL A 422 8.96 -6.15 4.81
CA VAL A 422 7.80 -5.64 4.04
C VAL A 422 7.97 -4.14 3.84
N GLU A 423 7.77 -3.68 2.60
CA GLU A 423 7.72 -2.24 2.33
C GLU A 423 6.58 -2.00 1.38
N GLU A 424 5.56 -1.30 1.86
CA GLU A 424 4.33 -1.16 1.11
C GLU A 424 3.93 0.30 0.93
N THR A 425 4.77 1.26 1.27
CA THR A 425 4.37 2.65 1.14
C THR A 425 4.40 3.15 -0.31
N ALA A 426 3.63 4.22 -0.52
CA ALA A 426 3.64 4.98 -1.77
C ALA A 426 4.44 6.24 -1.53
N VAL A 427 5.37 6.51 -2.42
CA VAL A 427 6.36 7.56 -2.22
C VAL A 427 5.97 8.76 -3.07
N LEU A 428 5.75 9.91 -2.44
CA LEU A 428 5.38 11.12 -3.15
CA LEU A 428 5.38 11.13 -3.14
C LEU A 428 6.56 12.05 -3.36
N GLY A 429 7.65 11.87 -2.62
CA GLY A 429 8.82 12.69 -2.85
C GLY A 429 10.01 12.14 -2.12
N LEU A 430 11.20 12.52 -2.60
CA LEU A 430 12.48 12.12 -1.98
C LEU A 430 13.46 13.26 -2.08
N ILE A 431 14.16 13.54 -1.00
CA ILE A 431 15.29 14.48 -1.07
C ILE A 431 16.50 13.84 -0.41
N SER A 432 17.67 14.07 -0.98
CA SER A 432 18.93 13.61 -0.40
C SER A 432 19.80 14.84 -0.16
N PRO A 433 19.92 15.30 1.09
CA PRO A 433 20.60 16.59 1.32
C PRO A 433 22.09 16.50 1.10
N PRO A 434 22.74 17.61 0.72
CA PRO A 434 24.16 17.59 0.38
C PRO A 434 25.08 17.76 1.57
N SER A 435 24.54 17.98 2.75
CA SER A 435 25.32 17.99 3.98
C SER A 435 24.37 17.73 5.13
N GLY A 436 24.95 17.55 6.31
CA GLY A 436 24.19 17.11 7.46
C GLY A 436 24.18 15.61 7.61
N THR A 437 23.56 15.15 8.68
CA THR A 437 23.66 13.74 9.02
C THR A 437 22.74 12.83 8.21
N ALA A 438 21.76 13.39 7.52
CA ALA A 438 20.80 12.55 6.81
C ALA A 438 21.18 12.43 5.35
N HIS A 439 21.04 11.22 4.86
CA HIS A 439 21.17 10.96 3.43
C HIS A 439 19.85 10.97 2.70
N LEU A 440 18.72 10.90 3.40
CA LEU A 440 17.46 10.82 2.71
C LEU A 440 16.37 11.29 3.65
N ILE A 441 15.40 12.01 3.09
CA ILE A 441 14.12 12.25 3.74
C ILE A 441 13.06 11.86 2.74
N THR A 442 12.11 11.03 3.18
CA THR A 442 11.02 10.59 2.31
C THR A 442 9.72 11.34 2.63
N ALA A 443 8.89 11.48 1.61
CA ALA A 443 7.53 11.99 1.71
C ALA A 443 6.61 10.89 1.25
N LEU A 444 5.75 10.40 2.15
CA LEU A 444 5.01 9.15 1.96
C LEU A 444 3.52 9.36 2.11
N GLY A 445 2.74 8.52 1.45
CA GLY A 445 1.35 8.42 1.79
C GLY A 445 1.16 7.70 3.11
N ASP A 446 0.09 8.09 3.81
CA ASP A 446 -0.42 7.42 5.02
C ASP A 446 0.41 7.50 6.28
N VAL A 447 1.75 7.42 6.17
CA VAL A 447 2.64 7.44 7.32
C VAL A 447 3.65 8.59 7.26
N SER A 448 3.36 9.59 6.40
CA SER A 448 4.03 10.90 6.37
C SER A 448 5.41 10.90 5.73
N GLY A 449 6.32 10.06 6.20
CA GLY A 449 7.70 10.07 5.74
C GLY A 449 8.66 10.10 6.91
N PHE A 450 9.93 9.84 6.59
CA PHE A 450 10.93 9.65 7.64
C PHE A 450 12.28 10.20 7.20
N ARG A 451 13.14 10.45 8.18
CA ARG A 451 14.49 10.99 7.96
C ARG A 451 15.50 9.89 8.27
N TYR A 452 16.44 9.65 7.37
CA TYR A 452 17.40 8.56 7.53
C TYR A 452 18.83 9.06 7.58
N GLU A 453 19.51 8.71 8.66
CA GLU A 453 20.96 8.73 8.74
C GLU A 453 21.53 7.40 8.29
N ASP A 454 20.84 6.31 8.65
CA ASP A 454 21.24 4.95 8.33
C ASP A 454 20.02 4.33 7.64
N LEU A 455 20.18 3.95 6.36
CA LEU A 455 19.05 3.52 5.55
C LEU A 455 18.53 2.15 5.96
N THR A 456 19.30 1.44 6.79
CA THR A 456 18.94 0.10 7.27
C THR A 456 18.22 0.13 8.60
N GLN A 457 18.04 1.30 9.19
CA GLN A 457 17.44 1.37 10.54
CA GLN A 457 17.46 1.41 10.54
C GLN A 457 16.00 1.86 10.45
N ALA A 458 15.10 1.12 11.11
CA ALA A 458 13.69 1.52 11.10
C ALA A 458 13.57 2.87 11.81
N PRO A 459 12.80 3.80 11.25
CA PRO A 459 12.70 5.14 11.83
C PRO A 459 12.22 5.08 13.27
N VAL A 460 12.87 5.89 14.09
CA VAL A 460 12.41 5.96 15.47
CA VAL A 460 12.51 6.05 15.50
C VAL A 460 11.37 7.06 15.68
N LYS A 461 11.35 8.09 14.83
CA LYS A 461 10.50 9.25 15.01
C LYS A 461 9.45 9.34 13.90
N PHE A 462 8.20 9.50 14.29
CA PHE A 462 7.17 9.94 13.36
C PHE A 462 7.24 11.46 13.24
N GLN A 463 6.93 11.98 12.05
CA GLN A 463 6.90 13.42 11.82
C GLN A 463 5.71 14.10 12.48
N THR A 464 5.95 15.01 13.42
CA THR A 464 4.89 15.66 14.17
C THR A 464 5.09 17.17 14.12
N SER A 465 4.09 17.91 14.64
CA SER A 465 4.05 19.37 14.70
C SER A 465 4.56 20.02 13.41
N PRO A 466 3.97 19.69 12.26
CA PRO A 466 2.65 19.07 12.13
C PRO A 466 2.65 17.55 11.96
N SER A 467 1.54 16.94 12.35
CA SER A 467 1.32 15.52 12.15
CA SER A 467 1.29 15.52 12.18
C SER A 467 0.18 15.36 11.16
N TRP A 468 0.44 14.57 10.13
CA TRP A 468 -0.60 14.26 9.14
C TRP A 468 -0.32 12.90 8.52
N ALA A 469 -1.28 12.47 7.69
CA ALA A 469 -1.16 11.17 7.06
C ALA A 469 -0.21 11.19 5.87
N THR A 470 -0.35 12.16 5.00
CA THR A 470 0.32 12.09 3.69
C THR A 470 1.07 13.39 3.43
N THR A 471 2.37 13.26 3.22
CA THR A 471 3.19 14.40 2.76
C THR A 471 3.19 14.41 1.23
N THR A 472 2.68 15.50 0.63
CA THR A 472 2.61 15.59 -0.83
C THR A 472 3.79 16.31 -1.44
N GLY A 473 4.56 17.05 -0.66
CA GLY A 473 5.74 17.73 -1.20
C GLY A 473 6.75 17.98 -0.12
N ILE A 474 8.02 17.99 -0.51
CA ILE A 474 9.11 18.32 0.43
C ILE A 474 10.24 18.93 -0.38
N ASP A 475 10.91 19.91 0.22
CA ASP A 475 12.07 20.54 -0.40
C ASP A 475 12.95 21.12 0.70
N PHE A 476 14.21 21.41 0.33
CA PHE A 476 15.15 22.02 1.25
C PHE A 476 15.89 23.13 0.54
N ALA A 477 16.43 24.07 1.33
CA ALA A 477 17.23 25.15 0.72
C ALA A 477 18.59 24.61 0.34
N GLU A 478 18.94 24.67 -0.96
CA GLU A 478 20.18 24.00 -1.38
C GLU A 478 21.38 24.54 -0.66
N LEU A 479 21.42 25.86 -0.43
CA LEU A 479 22.53 26.54 0.18
C LEU A 479 22.30 26.80 1.64
N ASN A 480 21.31 26.12 2.23
CA ASN A 480 21.07 26.13 3.69
C ASN A 480 20.28 24.86 4.02
N PRO A 481 20.87 23.67 3.88
CA PRO A 481 20.06 22.44 3.84
C PRO A 481 19.49 22.04 5.18
N SER A 482 19.87 22.71 6.26
CA SER A 482 19.16 22.53 7.51
C SER A 482 17.72 23.02 7.43
N TYR A 483 17.40 23.87 6.46
CA TYR A 483 16.07 24.43 6.32
C TYR A 483 15.27 23.57 5.35
N VAL A 484 14.26 22.88 5.88
CA VAL A 484 13.46 21.89 5.14
C VAL A 484 11.99 22.24 5.33
N VAL A 485 11.21 22.11 4.27
CA VAL A 485 9.78 22.42 4.32
C VAL A 485 8.99 21.26 3.71
N ARG A 486 7.94 20.80 4.39
CA ARG A 486 7.07 19.75 3.85
C ARG A 486 5.63 20.25 3.87
N VAL A 487 4.86 19.81 2.89
CA VAL A 487 3.43 20.13 2.85
C VAL A 487 2.63 18.85 2.71
N GLY A 488 1.40 18.91 3.19
CA GLY A 488 0.56 17.73 3.26
C GLY A 488 -0.87 18.08 3.54
N GLY A 489 -1.62 17.10 4.05
CA GLY A 489 -3.03 17.35 4.27
C GLY A 489 -3.41 17.22 5.73
N ALA A 490 -3.41 18.36 6.43
CA ALA A 490 -3.79 18.31 7.83
C ALA A 490 -5.26 17.91 7.98
N ASP A 491 -5.56 17.11 9.00
CA ASP A 491 -6.94 16.72 9.27
C ASP A 491 -7.48 17.70 10.31
N LYS A 492 -8.14 18.75 9.82
CA LYS A 492 -8.62 19.81 10.70
C LYS A 492 -9.90 19.46 11.43
N GLU A 493 -10.60 18.39 11.05
CA GLU A 493 -11.75 17.99 11.86
C GLU A 493 -11.28 17.37 13.16
N LYS A 494 -10.15 16.67 13.14
CA LYS A 494 -9.59 16.09 14.35
C LYS A 494 -8.82 17.12 15.17
N ASP A 495 -8.11 18.03 14.52
CA ASP A 495 -7.30 19.04 15.21
C ASP A 495 -7.44 20.35 14.44
N PRO A 496 -8.39 21.21 14.83
CA PRO A 496 -8.61 22.45 14.06
C PRO A 496 -7.39 23.35 13.98
N GLY A 497 -6.43 23.23 14.88
CA GLY A 497 -5.27 24.09 14.77
C GLY A 497 -4.11 23.51 14.00
N LYS A 499 -1.76 22.73 10.90
CA LYS A 499 -1.43 23.34 9.63
CA LYS A 499 -1.44 23.33 9.63
C LYS A 499 -0.97 22.26 8.65
N SER A 500 -1.10 22.57 7.35
CA SER A 500 -0.73 21.66 6.26
C SER A 500 0.67 21.92 5.75
N ILE A 501 1.48 22.69 6.49
CA ILE A 501 2.87 22.95 6.16
C ILE A 501 3.69 22.82 7.45
N GLY A 502 4.84 22.19 7.31
CA GLY A 502 5.79 22.10 8.42
C GLY A 502 7.15 22.59 7.99
N ILE A 503 7.85 23.26 8.92
CA ILE A 503 9.17 23.84 8.64
C ILE A 503 10.13 23.29 9.69
N SER A 504 11.33 22.98 9.26
CA SER A 504 12.41 22.59 10.15
C SER A 504 13.63 23.44 9.86
N ASN A 505 14.34 23.85 10.90
CA ASN A 505 15.65 24.47 10.75
C ASN A 505 16.77 23.57 11.26
N ASP A 506 16.49 22.30 11.56
CA ASP A 506 17.52 21.36 11.97
C ASP A 506 17.58 20.13 11.06
N GLY A 507 17.32 20.32 9.79
CA GLY A 507 17.53 19.25 8.84
C GLY A 507 16.40 18.26 8.77
N GLY A 508 15.25 18.59 9.34
CA GLY A 508 14.13 17.69 9.36
C GLY A 508 14.03 16.85 10.62
N VAL A 509 14.84 17.10 11.64
CA VAL A 509 14.69 16.32 12.88
C VAL A 509 13.46 16.77 13.64
N ASN A 510 13.29 18.09 13.77
CA ASN A 510 12.17 18.68 14.49
C ASN A 510 11.49 19.70 13.61
N TRP A 511 10.17 19.78 13.74
CA TRP A 511 9.36 20.60 12.86
C TRP A 511 8.52 21.57 13.70
N TYR A 512 8.10 22.65 13.05
CA TYR A 512 7.12 23.53 13.65
C TYR A 512 6.16 23.99 12.56
N PRO A 514 4.03 27.17 10.90
CA PRO A 514 4.03 28.63 10.83
C PRO A 514 2.71 29.20 11.32
N ASN A 515 2.65 30.53 11.43
CA ASN A 515 1.48 31.15 12.03
C ASN A 515 0.29 31.29 11.08
N SER A 516 0.49 31.18 9.77
CA SER A 516 -0.62 31.31 8.85
C SER A 516 -0.46 30.32 7.70
N GLU A 517 -1.52 30.19 6.93
CA GLU A 517 -1.53 29.42 5.69
C GLU A 517 -2.24 30.26 4.64
N PRO A 518 -2.02 29.96 3.36
CA PRO A 518 -2.76 30.63 2.28
C PRO A 518 -4.26 30.62 2.48
N SER A 519 -4.91 31.77 2.23
CA SER A 519 -6.34 31.88 2.36
C SER A 519 -6.89 32.78 1.25
N SER A 520 -8.18 32.61 0.98
CA SER A 520 -8.88 33.39 -0.04
C SER A 520 -10.29 33.62 0.49
N GLY A 521 -10.63 34.88 0.80
CA GLY A 521 -11.90 35.14 1.45
C GLY A 521 -12.00 34.41 2.77
N THR A 522 -13.09 33.67 2.94
CA THR A 522 -13.31 32.90 4.16
C THR A 522 -12.68 31.51 4.10
N LYS A 523 -11.92 31.19 3.06
CA LYS A 523 -11.43 29.83 2.83
C LYS A 523 -9.95 29.80 3.12
N THR A 524 -9.52 28.91 4.02
CA THR A 524 -8.10 28.64 4.21
C THR A 524 -7.80 27.37 3.44
N THR A 525 -6.60 27.31 2.87
CA THR A 525 -6.25 26.17 2.03
C THR A 525 -6.37 24.87 2.82
N ALA A 526 -6.81 23.82 2.11
CA ALA A 526 -6.69 22.46 2.61
C ALA A 526 -5.30 21.88 2.42
N GLY A 527 -4.40 22.62 1.81
CA GLY A 527 -3.02 22.19 1.79
C GLY A 527 -2.65 21.35 0.59
N GLN A 528 -1.79 20.37 0.83
CA GLN A 528 -1.34 19.40 -0.19
C GLN A 528 -0.61 20.16 -1.29
N GLY A 529 -0.57 19.64 -2.50
CA GLY A 529 0.20 20.27 -3.55
C GLY A 529 1.70 20.08 -3.38
N GLN A 530 2.46 20.98 -3.99
CA GLN A 530 3.91 20.86 -4.04
C GLN A 530 4.50 22.11 -3.42
N VAL A 531 5.75 22.00 -2.96
CA VAL A 531 6.47 23.11 -2.32
C VAL A 531 7.88 23.19 -2.89
N ALA A 532 8.35 24.41 -3.04
CA ALA A 532 9.75 24.67 -3.40
C ALA A 532 10.33 25.69 -2.42
N VAL A 533 11.60 25.51 -2.06
CA VAL A 533 12.26 26.36 -1.10
C VAL A 533 13.40 27.07 -1.83
N SER A 534 13.53 28.37 -1.64
CA SER A 534 14.58 29.11 -2.36
C SER A 534 15.95 28.62 -1.90
N ALA A 535 16.98 28.91 -2.72
CA ALA A 535 18.31 28.40 -2.44
C ALA A 535 18.82 28.82 -1.07
N SER A 536 18.46 30.03 -0.61
CA SER A 536 18.87 30.56 0.68
C SER A 536 17.93 30.17 1.80
N GLY A 537 16.71 29.73 1.47
CA GLY A 537 15.69 29.53 2.44
C GLY A 537 14.86 30.76 2.76
N ASN A 538 15.06 31.86 2.03
CA ASN A 538 14.36 33.10 2.34
C ASN A 538 12.97 33.16 1.73
N SER A 539 12.60 32.25 0.83
CA SER A 539 11.26 32.24 0.26
C SER A 539 10.77 30.81 0.17
N ILE A 540 9.49 30.62 0.47
CA ILE A 540 8.81 29.35 0.28
C ILE A 540 7.71 29.56 -0.77
N LEU A 541 7.68 28.70 -1.79
CA LEU A 541 6.66 28.76 -2.82
C LEU A 541 5.78 27.52 -2.69
N TRP A 542 4.50 27.72 -2.42
CA TRP A 542 3.58 26.61 -2.15
C TRP A 542 2.51 26.59 -3.22
N SER A 543 2.57 25.60 -4.08
CA SER A 543 1.52 25.39 -5.07
C SER A 543 0.43 24.56 -4.41
N THR A 544 -0.52 25.24 -3.80
CA THR A 544 -1.53 24.54 -3.02
C THR A 544 -2.47 23.75 -3.92
N SER A 545 -3.13 22.76 -3.33
CA SER A 545 -4.03 21.94 -4.13
C SER A 545 -5.28 22.70 -4.55
N ASP A 546 -5.75 23.64 -3.74
CA ASP A 546 -7.08 24.20 -3.91
C ASP A 546 -7.11 25.71 -4.20
N LEU A 547 -6.14 26.48 -3.77
CA LEU A 547 -6.18 27.93 -3.96
C LEU A 547 -5.18 28.44 -4.98
N GLY A 548 -4.32 27.60 -5.49
CA GLY A 548 -3.29 28.07 -6.36
C GLY A 548 -1.95 28.33 -5.64
N VAL A 549 -1.09 29.02 -6.36
CA VAL A 549 0.30 29.20 -5.95
C VAL A 549 0.42 30.45 -5.06
N TYR A 550 1.02 30.25 -3.89
CA TYR A 550 1.29 31.34 -2.94
C TYR A 550 2.76 31.31 -2.58
N TYR A 551 3.27 32.45 -2.13
CA TYR A 551 4.63 32.53 -1.62
C TYR A 551 4.65 33.20 -0.28
N SER A 552 5.73 32.94 0.46
CA SER A 552 6.01 33.67 1.70
C SER A 552 7.48 33.97 1.80
N LYS A 553 7.80 35.23 2.06
CA LYS A 553 9.13 35.68 2.44
C LYS A 553 9.17 35.99 3.94
N THR A 554 8.14 35.59 4.68
CA THR A 554 8.00 35.91 6.10
C THR A 554 7.93 34.67 6.96
N THR A 555 8.55 33.59 6.49
CA THR A 555 8.54 32.31 7.19
C THR A 555 7.13 31.80 7.48
N GLY A 556 6.16 32.11 6.60
CA GLY A 556 4.80 31.63 6.84
C GLY A 556 3.97 32.46 7.79
N ASN A 557 4.47 33.63 8.22
CA ASN A 557 3.62 34.53 9.01
C ASN A 557 2.55 35.14 8.15
N SER A 558 2.78 35.20 6.83
CA SER A 558 1.78 35.60 5.87
C SER A 558 2.10 34.89 4.56
N TRP A 559 1.10 34.82 3.71
CA TRP A 559 1.20 34.23 2.39
C TRP A 559 0.54 35.14 1.39
N THR A 560 1.18 35.31 0.23
CA THR A 560 0.67 36.19 -0.83
C THR A 560 0.50 35.39 -2.11
N VAL A 561 -0.58 35.66 -2.85
CA VAL A 561 -0.80 35.01 -4.14
CA VAL A 561 -0.80 35.01 -4.14
C VAL A 561 0.35 35.33 -5.10
N SER A 562 0.83 34.30 -5.79
CA SER A 562 1.80 34.51 -6.87
C SER A 562 1.09 34.91 -8.15
N ALA A 563 1.59 35.94 -8.82
CA ALA A 563 1.01 36.37 -10.08
C ALA A 563 1.61 35.60 -11.25
N GLY A 564 0.78 35.37 -12.26
CA GLY A 564 1.34 34.92 -13.51
C GLY A 564 1.50 33.42 -13.65
N VAL A 565 0.93 32.62 -12.76
CA VAL A 565 1.13 31.16 -12.73
C VAL A 565 -0.20 30.48 -12.42
N PRO A 566 -0.63 29.51 -13.20
CA PRO A 566 -1.95 28.90 -12.95
C PRO A 566 -1.96 27.97 -11.74
N ALA A 567 -3.13 27.91 -11.12
CA ALA A 567 -3.33 26.98 -10.03
C ALA A 567 -3.10 25.55 -10.53
N GLY A 568 -2.43 24.75 -9.70
CA GLY A 568 -2.06 23.39 -10.02
C GLY A 568 -0.67 23.27 -10.62
N ALA A 569 0.02 24.38 -10.87
CA ALA A 569 1.34 24.30 -11.50
C ALA A 569 2.32 23.48 -10.67
N LYS A 570 3.27 22.89 -11.39
CA LYS A 570 4.39 22.18 -10.79
C LYS A 570 5.39 23.30 -10.49
N VAL A 571 6.13 23.20 -9.38
CA VAL A 571 7.05 24.28 -9.00
C VAL A 571 8.40 23.71 -8.64
N ALA A 572 9.44 24.51 -8.82
CA ALA A 572 10.80 24.09 -8.48
C ALA A 572 11.60 25.35 -8.21
N SER A 573 12.57 25.27 -7.31
CA SER A 573 13.46 26.39 -7.07
C SER A 573 14.79 26.23 -7.82
N ASP A 574 15.37 27.35 -8.24
CA ASP A 574 16.76 27.30 -8.67
C ASP A 574 17.63 26.92 -7.48
N ARG A 575 18.68 26.15 -7.72
CA ARG A 575 19.51 25.70 -6.60
C ARG A 575 20.65 26.64 -6.27
N VAL A 576 20.84 27.71 -7.05
CA VAL A 576 21.87 28.70 -6.83
C VAL A 576 21.28 30.06 -6.50
N ASN A 577 20.40 30.56 -7.36
CA ASN A 577 19.94 31.95 -7.25
C ASN A 577 18.70 31.93 -6.38
N PRO A 578 18.75 32.50 -5.18
CA PRO A 578 17.57 32.47 -4.29
C PRO A 578 16.37 33.24 -4.81
N ASN A 579 16.54 34.10 -5.80
CA ASN A 579 15.40 34.83 -6.34
C ASN A 579 14.69 34.09 -7.45
N LYS A 580 15.25 32.96 -7.94
CA LYS A 580 14.74 32.31 -9.15
C LYS A 580 13.96 31.06 -8.81
N PHE A 581 12.70 31.03 -9.22
CA PHE A 581 11.84 29.87 -9.19
C PHE A 581 11.32 29.57 -10.59
N TYR A 582 10.92 28.31 -10.78
CA TYR A 582 10.35 27.81 -12.01
C TYR A 582 8.99 27.20 -11.73
N ALA A 583 8.11 27.25 -12.75
CA ALA A 583 6.82 26.59 -12.67
C ALA A 583 6.48 25.99 -14.03
N PHE A 584 5.54 25.05 -14.04
CA PHE A 584 5.16 24.41 -15.29
C PHE A 584 3.71 23.97 -15.19
N TYR A 585 2.94 24.22 -16.24
CA TYR A 585 1.58 23.69 -16.30
C TYR A 585 1.13 23.66 -17.73
N ALA A 586 0.53 22.56 -18.15
CA ALA A 586 -0.19 22.49 -19.42
C ALA A 586 0.71 22.87 -20.61
N GLY A 587 1.97 22.45 -20.55
CA GLY A 587 2.86 22.71 -21.67
C GLY A 587 3.51 24.08 -21.65
N ILE A 588 3.29 24.87 -20.62
CA ILE A 588 3.85 26.22 -20.51
C ILE A 588 4.86 26.20 -19.38
N PHE A 589 6.08 26.67 -19.65
CA PHE A 589 7.10 26.84 -18.61
C PHE A 589 7.16 28.30 -18.19
N TYR A 590 7.29 28.53 -16.87
CA TYR A 590 7.29 29.85 -16.28
C TYR A 590 8.55 30.05 -15.44
N VAL A 591 9.00 31.30 -15.35
CA VAL A 591 10.11 31.65 -14.48
CA VAL A 591 10.13 31.69 -14.53
C VAL A 591 9.76 32.89 -13.67
N SER A 592 10.22 32.90 -12.42
CA SER A 592 10.16 34.06 -11.56
C SER A 592 11.57 34.45 -11.17
N THR A 593 11.86 35.74 -11.18
CA THR A 593 13.13 36.25 -10.70
C THR A 593 12.93 37.16 -9.49
N ASP A 594 11.74 37.13 -8.90
CA ASP A 594 11.45 37.92 -7.71
C ASP A 594 11.02 37.04 -6.54
N GLY A 595 11.58 35.83 -6.45
CA GLY A 595 11.36 35.00 -5.29
C GLY A 595 9.98 34.40 -5.25
N GLY A 596 9.36 34.23 -6.42
CA GLY A 596 8.04 33.61 -6.50
C GLY A 596 6.89 34.58 -6.48
N ALA A 597 7.13 35.89 -6.40
CA ALA A 597 6.04 36.86 -6.40
C ALA A 597 5.35 36.95 -7.76
N THR A 598 6.13 36.87 -8.84
CA THR A 598 5.55 37.04 -10.18
C THR A 598 6.26 36.08 -11.11
N PHE A 599 5.51 35.51 -12.06
CA PHE A 599 6.05 34.61 -13.05
C PHE A 599 5.72 35.10 -14.44
N THR A 600 6.58 34.68 -15.39
CA THR A 600 6.42 34.99 -16.81
C THR A 600 6.54 33.69 -17.58
N ALA A 601 5.73 33.51 -18.63
CA ALA A 601 5.81 32.32 -19.46
C ALA A 601 6.98 32.47 -20.42
N THR A 602 7.83 31.47 -20.50
CA THR A 602 8.94 31.56 -21.46
C THR A 602 8.54 31.01 -22.81
N ALA A 603 9.43 31.15 -23.76
CA ALA A 603 9.21 30.64 -25.10
C ALA A 603 9.43 29.14 -25.23
N ALA A 604 9.76 28.43 -24.16
CA ALA A 604 10.02 26.99 -24.23
C ALA A 604 8.89 26.27 -24.93
N ALA A 605 9.24 25.46 -25.91
CA ALA A 605 8.26 24.82 -26.77
C ALA A 605 8.42 23.32 -26.75
N GLY A 606 7.30 22.61 -26.99
CA GLY A 606 7.31 21.17 -27.16
C GLY A 606 7.12 20.36 -25.89
N LEU A 607 7.02 20.98 -24.73
CA LEU A 607 6.77 20.22 -23.52
C LEU A 607 5.33 19.70 -23.47
N PRO A 608 5.10 18.56 -22.83
CA PRO A 608 3.75 17.99 -22.84
C PRO A 608 2.71 18.83 -22.12
N ALA A 609 1.50 18.85 -22.66
CA ALA A 609 0.43 19.69 -22.16
C ALA A 609 -0.68 18.95 -21.42
N ASN A 610 -0.78 17.62 -21.54
CA ASN A 610 -1.81 16.84 -20.86
C ASN A 610 -3.25 17.34 -21.10
N ASN A 611 -3.56 17.82 -22.32
CA ASN A 611 -4.87 18.41 -22.58
C ASN A 611 -5.52 17.88 -23.86
N VAL A 612 -5.15 16.68 -24.30
CA VAL A 612 -5.70 16.09 -25.52
C VAL A 612 -6.54 14.88 -25.15
N GLY A 613 -7.42 14.49 -26.07
CA GLY A 613 -8.26 13.33 -25.82
C GLY A 613 -8.98 13.48 -24.50
N GLY A 614 -8.89 12.47 -23.66
CA GLY A 614 -9.59 12.50 -22.40
C GLY A 614 -8.74 12.83 -21.19
N LEU A 615 -7.46 13.13 -21.40
CA LEU A 615 -6.49 13.14 -20.31
C LEU A 615 -6.96 13.98 -19.14
N GLN A 616 -6.73 13.46 -17.95
CA GLN A 616 -7.18 14.08 -16.72
C GLN A 616 -5.98 14.61 -15.94
N PRO A 617 -6.19 15.64 -15.10
CA PRO A 617 -5.04 16.25 -14.41
C PRO A 617 -4.21 15.28 -13.57
N ASN A 618 -4.85 14.29 -12.93
CA ASN A 618 -4.10 13.29 -12.18
C ASN A 618 -3.25 12.38 -13.08
N GLN A 619 -3.49 12.39 -14.39
CA GLN A 619 -2.65 11.58 -15.26
C GLN A 619 -1.31 12.25 -15.59
N ALA A 620 -1.12 13.54 -15.31
CA ALA A 620 0.06 14.24 -15.85
C ALA A 620 1.35 13.75 -15.19
N GLN A 621 2.27 13.25 -16.01
CA GLN A 621 3.57 12.76 -15.54
C GLN A 621 4.59 13.87 -15.83
N ILE A 622 5.08 14.50 -14.76
CA ILE A 622 6.00 15.63 -14.85
C ILE A 622 7.04 15.52 -13.75
N SER A 623 8.31 15.64 -14.11
CA SER A 623 9.41 15.64 -13.13
C SER A 623 10.34 16.77 -13.57
N LYS A 625 13.36 19.46 -12.30
CA LYS A 625 14.31 19.87 -11.27
C LYS A 625 15.46 20.69 -11.83
N ALA A 626 15.88 21.67 -11.02
CA ALA A 626 17.06 22.45 -11.34
C ALA A 626 18.31 21.82 -10.71
N PRO A 628 21.78 21.40 -8.80
CA PRO A 628 22.68 21.96 -7.79
C PRO A 628 23.96 22.50 -8.43
N GLY A 629 24.38 23.68 -8.01
CA GLY A 629 25.63 24.27 -8.43
C GLY A 629 25.63 25.01 -9.74
N ILE A 630 24.55 24.95 -10.55
CA ILE A 630 24.52 25.62 -11.85
C ILE A 630 23.21 26.37 -12.00
N GLU A 631 23.26 27.68 -11.88
CA GLU A 631 22.05 28.48 -12.03
C GLU A 631 21.50 28.25 -13.44
N GLY A 632 20.18 28.09 -13.52
CA GLY A 632 19.50 28.05 -14.80
C GLY A 632 19.62 26.76 -15.56
N ASP A 633 20.17 25.73 -14.96
CA ASP A 633 20.27 24.41 -15.59
C ASP A 633 19.09 23.59 -15.06
N VAL A 634 18.16 23.25 -15.95
CA VAL A 634 16.88 22.64 -15.56
C VAL A 634 16.64 21.41 -16.42
N TRP A 635 16.28 20.30 -15.78
CA TRP A 635 15.90 19.08 -16.48
C TRP A 635 14.41 18.82 -16.31
N PHE A 636 13.80 18.24 -17.34
CA PHE A 636 12.36 17.97 -17.33
C PHE A 636 12.15 16.59 -17.93
N ALA A 637 11.45 15.72 -17.21
CA ALA A 637 11.05 14.43 -17.77
C ALA A 637 9.55 14.29 -17.71
N GLY A 638 8.95 13.61 -18.68
CA GLY A 638 7.56 13.25 -18.54
C GLY A 638 6.87 13.28 -19.88
N GLY A 639 5.55 13.32 -19.80
CA GLY A 639 4.74 13.35 -20.98
C GLY A 639 4.01 12.05 -21.24
N ASN A 640 3.62 11.86 -22.48
CA ASN A 640 2.80 10.72 -22.82
C ASN A 640 2.84 10.48 -24.33
N THR A 641 2.36 9.33 -24.75
CA THR A 641 2.38 8.98 -26.16
C THR A 641 1.29 9.66 -26.97
N VAL A 642 0.11 9.94 -26.37
CA VAL A 642 -0.98 10.49 -27.16
CA VAL A 642 -1.00 10.52 -27.12
C VAL A 642 -0.61 11.85 -27.76
N GLU A 643 0.17 12.65 -27.03
CA GLU A 643 0.62 13.92 -27.59
C GLU A 643 1.88 13.77 -28.42
N ASN A 644 2.50 12.59 -28.42
CA ASN A 644 3.85 12.42 -28.96
C ASN A 644 4.82 13.44 -28.38
N LYS A 645 4.73 13.64 -27.07
CA LYS A 645 5.62 14.48 -26.30
C LYS A 645 5.90 13.67 -25.05
N TYR A 646 6.90 12.80 -25.12
CA TYR A 646 7.31 11.96 -24.00
C TYR A 646 8.83 11.84 -24.03
N GLY A 647 9.52 12.08 -22.91
CA GLY A 647 10.98 12.05 -23.00
C GLY A 647 11.65 12.86 -21.92
N LEU A 648 12.88 13.28 -22.23
CA LEU A 648 13.74 14.01 -21.29
C LEU A 648 14.24 15.23 -22.03
N TRP A 649 14.08 16.41 -21.40
CA TRP A 649 14.45 17.69 -21.99
C TRP A 649 15.41 18.41 -21.05
N HIS A 650 16.30 19.21 -21.63
CA HIS A 650 17.29 19.95 -20.86
C HIS A 650 17.34 21.39 -21.27
N SER A 651 17.29 22.29 -20.31
CA SER A 651 17.54 23.72 -20.54
C SER A 651 18.81 24.14 -19.83
N ILE A 652 19.59 25.03 -20.45
CA ILE A 652 20.76 25.63 -19.81
C ILE A 652 20.62 27.13 -19.64
N ASN A 653 19.43 27.67 -19.95
CA ASN A 653 19.16 29.09 -19.94
C ASN A 653 17.88 29.40 -19.16
N SER A 654 17.75 28.78 -17.97
CA SER A 654 16.65 29.08 -17.05
C SER A 654 15.28 28.86 -17.68
N GLY A 655 15.22 27.90 -18.59
CA GLY A 655 13.94 27.55 -19.21
C GLY A 655 13.56 28.37 -20.42
N THR A 656 14.41 29.30 -20.85
CA THR A 656 14.13 30.04 -22.06
C THR A 656 13.94 29.09 -23.23
N SER A 657 14.75 28.03 -23.30
CA SER A 657 14.54 27.01 -24.31
C SER A 657 14.94 25.68 -23.73
N PHE A 658 14.35 24.60 -24.26
CA PHE A 658 14.68 23.24 -23.85
C PHE A 658 15.05 22.45 -25.09
N THR A 659 16.00 21.55 -24.97
CA THR A 659 16.32 20.63 -26.04
C THR A 659 15.93 19.23 -25.59
N LYS A 660 15.21 18.52 -26.46
CA LYS A 660 14.82 17.15 -26.17
C LYS A 660 15.97 16.21 -26.47
N LEU A 661 16.31 15.36 -25.50
CA LEU A 661 17.38 14.39 -25.77
C LEU A 661 16.89 13.34 -26.75
N THR A 662 17.62 13.20 -27.85
CA THR A 662 17.19 12.30 -28.92
C THR A 662 17.40 10.85 -28.59
N ASN A 663 18.17 10.53 -27.56
CA ASN A 663 18.46 9.14 -27.22
C ASN A 663 17.57 8.57 -26.13
N VAL A 664 16.52 9.27 -25.73
CA VAL A 664 15.63 8.82 -24.66
C VAL A 664 14.21 8.80 -25.22
N GLU A 665 13.68 7.62 -25.51
CA GLU A 665 12.40 7.63 -26.23
C GLU A 665 11.20 7.92 -25.34
N GLU A 666 11.26 7.57 -24.05
CA GLU A 666 10.23 7.96 -23.07
C GLU A 666 10.94 8.15 -21.76
N ALA A 667 10.49 9.12 -20.96
CA ALA A 667 11.05 9.23 -19.62
C ALA A 667 9.98 9.83 -18.73
N ASP A 668 10.05 9.49 -17.44
CA ASP A 668 9.00 9.77 -16.47
C ASP A 668 9.54 10.53 -15.27
N LEU A 669 10.81 10.37 -14.93
CA LEU A 669 11.38 10.98 -13.75
C LEU A 669 12.84 11.26 -14.02
N ILE A 670 13.35 12.33 -13.40
CA ILE A 670 14.77 12.67 -13.47
C ILE A 670 15.27 13.02 -12.06
N GLY A 671 16.54 12.68 -11.79
CA GLY A 671 17.15 13.08 -10.53
C GLY A 671 18.66 13.05 -10.67
N PHE A 672 19.34 13.62 -9.67
CA PHE A 672 20.78 13.87 -9.76
C PHE A 672 21.51 13.26 -8.59
N GLY A 673 22.75 12.87 -8.82
CA GLY A 673 23.61 12.42 -7.74
C GLY A 673 25.06 12.82 -8.02
N ALA A 675 28.79 13.37 -9.07
CA ALA A 675 29.49 13.08 -10.32
C ALA A 675 30.35 11.85 -10.20
N ALA A 676 30.52 11.12 -11.31
CA ALA A 676 31.47 10.04 -11.31
C ALA A 676 32.89 10.58 -11.16
N PRO A 677 33.78 9.83 -10.53
CA PRO A 677 35.19 10.27 -10.47
C PRO A 677 35.70 10.51 -11.88
N GLY A 678 36.32 11.66 -12.07
CA GLY A 678 36.83 12.02 -13.37
C GLY A 678 35.87 12.82 -14.20
N GLN A 679 34.60 12.95 -13.77
CA GLN A 679 33.63 13.71 -14.54
C GLN A 679 33.29 15.02 -13.85
N ASN A 680 32.80 15.97 -14.64
CA ASN A 680 32.55 17.34 -14.17
C ASN A 680 31.08 17.65 -13.98
N TYR A 681 30.19 16.74 -14.28
CA TYR A 681 28.77 17.01 -14.19
C TYR A 681 28.15 15.93 -13.31
N ALA A 683 25.91 12.99 -11.88
CA ALA A 683 25.28 11.86 -12.54
C ALA A 683 23.78 12.07 -12.60
N LEU A 684 23.18 11.61 -13.70
CA LEU A 684 21.73 11.65 -13.89
C LEU A 684 21.13 10.26 -13.69
N TYR A 685 19.94 10.23 -13.09
CA TYR A 685 19.20 9.02 -12.83
C TYR A 685 17.81 9.20 -13.40
N THR A 686 17.36 8.25 -14.23
CA THR A 686 16.03 8.40 -14.84
C THR A 686 15.25 7.09 -14.83
N VAL A 687 13.94 7.22 -14.81
CA VAL A 687 13.01 6.13 -15.11
C VAL A 687 12.55 6.37 -16.55
N ALA A 688 12.81 5.42 -17.43
CA ALA A 688 12.70 5.70 -18.86
C ALA A 688 12.57 4.42 -19.66
N ARG A 689 12.24 4.61 -20.93
CA ARG A 689 12.35 3.54 -21.90
C ARG A 689 13.43 3.94 -22.87
N ASP A 691 15.37 2.61 -26.15
CA ASP A 691 15.39 1.68 -27.27
C ASP A 691 14.54 0.44 -26.99
N GLY A 692 13.33 0.67 -26.50
CA GLY A 692 12.39 -0.39 -26.24
C GLY A 692 12.44 -1.02 -24.86
N VAL A 693 13.48 -0.75 -24.08
CA VAL A 693 13.69 -1.39 -22.79
C VAL A 693 13.28 -0.43 -21.70
N ARG A 694 12.30 -0.82 -20.91
CA ARG A 694 11.91 -0.04 -19.74
C ARG A 694 12.84 -0.35 -18.57
N GLY A 695 13.22 0.68 -17.83
CA GLY A 695 13.99 0.45 -16.61
C GLY A 695 14.42 1.73 -15.96
N VAL A 696 15.48 1.59 -15.13
CA VAL A 696 16.11 2.70 -14.43
C VAL A 696 17.52 2.83 -14.99
N PHE A 697 17.93 4.06 -15.33
CA PHE A 697 19.18 4.29 -16.06
C PHE A 697 19.99 5.41 -15.42
N ARG A 698 21.33 5.32 -15.59
CA ARG A 698 22.23 6.37 -15.10
C ARG A 698 23.02 6.89 -16.28
N SER A 699 23.27 8.21 -16.27
CA SER A 699 24.22 8.79 -17.21
C SER A 699 25.31 9.52 -16.45
N ASP A 700 26.56 9.26 -16.80
CA ASP A 700 27.68 9.95 -16.19
C ASP A 700 28.21 11.08 -17.05
N ASP A 701 27.60 11.33 -18.21
CA ASP A 701 28.11 12.26 -19.23
C ASP A 701 27.01 13.20 -19.71
N ALA A 702 26.17 13.64 -18.78
CA ALA A 702 25.15 14.66 -19.05
C ALA A 702 24.11 14.20 -20.07
N GLY A 703 23.86 12.91 -20.10
CA GLY A 703 22.84 12.36 -20.96
C GLY A 703 23.30 11.88 -22.31
N ALA A 704 24.60 12.01 -22.65
CA ALA A 704 25.08 11.51 -23.94
C ALA A 704 24.96 9.99 -24.05
N SER A 705 25.16 9.27 -22.95
CA SER A 705 24.99 7.83 -22.93
C SER A 705 24.39 7.42 -21.59
N TRP A 706 23.80 6.23 -21.56
CA TRP A 706 23.03 5.74 -20.45
C TRP A 706 23.36 4.28 -20.25
N VAL A 707 23.30 3.88 -18.98
CA VAL A 707 23.47 2.49 -18.60
CA VAL A 707 23.53 2.51 -18.53
C VAL A 707 22.32 2.08 -17.71
N ARG A 708 21.77 0.88 -17.98
CA ARG A 708 20.67 0.38 -17.16
C ARG A 708 21.22 -0.09 -15.83
N ILE A 709 20.62 0.36 -14.74
CA ILE A 709 21.09 0.03 -13.38
C ILE A 709 20.11 -0.84 -12.61
N ASN A 710 18.88 -1.03 -13.09
CA ASN A 710 18.05 -2.11 -12.57
C ASN A 710 18.17 -3.30 -13.50
N ASP A 711 17.23 -4.24 -13.40
CA ASP A 711 17.26 -5.45 -14.16
C ASP A 711 15.85 -6.06 -14.06
N ASP A 712 15.61 -7.14 -14.78
CA ASP A 712 14.28 -7.69 -14.91
C ASP A 712 13.75 -8.25 -13.59
N ALA A 713 14.64 -8.59 -12.66
CA ALA A 713 14.19 -9.11 -11.35
C ALA A 713 13.94 -7.98 -10.34
N HIS A 714 14.22 -6.73 -10.70
CA HIS A 714 14.12 -5.59 -9.78
C HIS A 714 13.47 -4.46 -10.55
N GLN A 715 12.18 -4.58 -10.76
CA GLN A 715 11.43 -3.58 -11.50
C GLN A 715 10.47 -2.75 -10.67
N TYR A 716 9.71 -3.36 -9.72
CA TYR A 716 8.89 -2.64 -8.71
C TYR A 716 7.67 -1.95 -9.33
N ALA A 717 7.15 -2.48 -10.45
CA ALA A 717 5.85 -2.10 -10.99
C ALA A 717 5.86 -0.66 -11.54
N LYS A 718 4.84 0.17 -11.28
CA LYS A 718 4.75 1.45 -12.01
C LYS A 718 5.55 2.48 -11.21
N ILE A 719 6.84 2.61 -11.54
CA ILE A 719 7.79 3.42 -10.77
C ILE A 719 7.80 4.87 -11.28
N ASN A 720 6.65 5.53 -11.26
CA ASN A 720 6.51 6.87 -11.80
C ASN A 720 6.43 7.89 -10.68
N ALA A 722 9.08 8.84 -7.80
CA ALA A 722 10.16 9.77 -7.38
C ALA A 722 11.48 9.08 -7.59
N ILE A 723 12.52 9.87 -7.89
CA ILE A 723 13.88 9.36 -8.01
C ILE A 723 14.86 10.45 -7.62
N THR A 724 15.95 10.08 -6.97
CA THR A 724 17.05 11.02 -6.76
C THR A 724 18.33 10.25 -6.59
N GLY A 725 19.46 10.85 -6.96
CA GLY A 725 20.74 10.35 -6.52
C GLY A 725 21.08 10.90 -5.16
N ASP A 726 22.31 10.65 -4.75
CA ASP A 726 22.84 11.11 -3.48
C ASP A 726 24.02 12.01 -3.80
N PRO A 727 23.99 13.29 -3.42
CA PRO A 727 25.12 14.16 -3.78
C PRO A 727 26.44 13.78 -3.14
N ARG A 728 26.43 12.90 -2.13
CA ARG A 728 27.64 12.47 -1.45
C ARG A 728 28.00 11.02 -1.68
N VAL A 729 27.30 10.29 -2.56
CA VAL A 729 27.64 8.87 -2.80
C VAL A 729 27.51 8.62 -4.29
N TYR A 730 28.65 8.48 -4.97
CA TYR A 730 28.59 8.20 -6.40
C TYR A 730 27.94 6.85 -6.66
N GLY A 731 27.02 6.84 -7.62
CA GLY A 731 26.40 5.62 -8.08
C GLY A 731 25.10 5.29 -7.36
N ARG A 732 24.86 5.87 -6.19
CA ARG A 732 23.66 5.56 -5.41
C ARG A 732 22.42 6.18 -6.02
N VAL A 733 21.37 5.37 -6.11
CA VAL A 733 20.06 5.85 -6.53
C VAL A 733 19.06 5.54 -5.42
N TYR A 734 18.13 6.48 -5.22
CA TYR A 734 16.97 6.27 -4.37
C TYR A 734 15.74 6.28 -5.27
N LEU A 735 14.91 5.23 -5.20
CA LEU A 735 13.80 5.09 -6.13
C LEU A 735 12.53 4.95 -5.33
N GLY A 736 11.60 5.83 -5.56
CA GLY A 736 10.30 5.67 -4.96
C GLY A 736 9.43 4.67 -5.75
N THR A 737 8.38 4.17 -5.12
CA THR A 737 7.45 3.27 -5.79
C THR A 737 6.05 3.56 -5.29
N ASN A 738 5.05 2.93 -5.91
CA ASN A 738 3.68 3.02 -5.45
C ASN A 738 3.28 1.65 -4.89
N GLY A 739 3.78 1.34 -3.69
CA GLY A 739 3.41 0.10 -3.02
C GLY A 739 4.57 -0.79 -2.66
N ARG A 740 5.80 -0.43 -3.02
CA ARG A 740 6.99 -1.19 -2.61
C ARG A 740 7.93 -0.30 -1.78
N GLY A 741 7.40 0.81 -1.26
CA GLY A 741 8.30 1.69 -0.47
C GLY A 741 9.37 2.37 -1.29
N THR A 742 10.51 2.62 -0.66
CA THR A 742 11.64 3.27 -1.28
C THR A 742 12.78 2.28 -1.36
N LEU A 743 13.44 2.24 -2.50
CA LEU A 743 14.62 1.40 -2.69
C LEU A 743 15.84 2.30 -2.72
N TYR A 744 17.00 1.75 -2.32
CA TYR A 744 18.28 2.34 -2.63
C TYR A 744 19.17 1.30 -3.27
N ALA A 745 20.00 1.73 -4.21
CA ALA A 745 20.81 0.76 -4.92
C ALA A 745 22.15 1.38 -5.24
N ASP A 746 23.18 0.55 -5.25
CA ASP A 746 24.56 0.98 -5.47
C ASP A 746 25.23 -0.03 -6.39
N PRO A 747 26.20 0.41 -7.19
CA PRO A 747 26.93 -0.52 -8.05
C PRO A 747 27.51 -1.66 -7.23
N VAL A 748 27.52 -2.85 -7.82
CA VAL A 748 28.21 -3.97 -7.23
C VAL A 748 29.68 -3.66 -7.00
#